data_4OGZ
#
_entry.id   4OGZ
#
_cell.length_a   50.955
_cell.length_b   170.874
_cell.length_c   52.619
_cell.angle_alpha   90.000
_cell.angle_beta   106.710
_cell.angle_gamma   90.000
#
_symmetry.space_group_name_H-M   'P 1 21 1'
#
loop_
_entity.id
_entity.type
_entity.pdbx_description
1 polymer 'Putative alpha-galactosidase/melibiase'
2 non-polymer 'TRIETHYLENE GLYCOL'
3 non-polymer DI(HYDROXYETHYL)ETHER
4 non-polymer 'PHOSPHATE ION'
5 water water
#
_entity_poly.entity_id   1
_entity_poly.type   'polypeptide(L)'
_entity_poly.pdbx_seq_one_letter_code
;GSEVRTAIFEGKPCINPPHVVGNYPATPFLFYIPTSGERPIKWHAENLPKGLKLDKETGIIKGKVVEKGTYKV(MSE)LK
AENALGTDTQELLINIGDELLLTPP(MSE)GWNSWNTFGRHLTEELLLQTADA(MSE)VENG(MSE)RDLGYAYINIDDF
WQLPERGADGHIQIDKTKFPRGIKYVADYLHERGFKLGIYSDAADKTCGGVCGSYGYEEIDARDFASWGVDLLKYDYCNA
PAGRVEA(MSE)ERYEK(MSE)GRALRATDRSIVFSICEWGQREPWKWAKKVGGHLWRVSGDIGDLWNRSTDEKGGLRGI
LNILEINAPLSEYARPGGWNDPD(MSE)LVVGIGGKSKSIGYESEGCTNEQYQSHFALWC(MSE)(MSE)ASPLLCGNDV
RQ(MSE)NDSTLQILLNKDLIAINQDPLGIQAERAIRADHYDVWVKPLSDGSKAIACLNRISGPVDVELNVKTVEGLSLD
RVYDVIEGSLVAEASTGWVVKLAPGECKVFICK
;
_entity_poly.pdbx_strand_id   A,B
#
loop_
_chem_comp.id
_chem_comp.type
_chem_comp.name
_chem_comp.formula
PEG non-polymer DI(HYDROXYETHYL)ETHER 'C4 H10 O3'
PGE non-polymer 'TRIETHYLENE GLYCOL' 'C6 H14 O4'
PO4 non-polymer 'PHOSPHATE ION' 'O4 P -3'
#
# COMPACT_ATOMS: atom_id res chain seq x y z
N ALA A 7 -17.20 -1.08 -5.68
CA ALA A 7 -18.41 -0.22 -5.56
C ALA A 7 -18.21 0.87 -4.52
N ILE A 8 -17.47 0.55 -3.47
CA ILE A 8 -17.09 1.48 -2.40
C ILE A 8 -16.29 2.70 -2.92
N PHE A 9 -15.54 2.47 -3.99
CA PHE A 9 -14.70 3.49 -4.58
C PHE A 9 -15.23 3.97 -5.93
N GLU A 10 -16.55 4.05 -6.05
CA GLU A 10 -17.17 4.64 -7.21
C GLU A 10 -18.20 5.65 -6.75
N GLY A 11 -18.52 6.61 -7.60
CA GLY A 11 -19.63 7.51 -7.34
C GLY A 11 -19.29 8.74 -6.55
N LYS A 12 -20.33 9.51 -6.26
CA LYS A 12 -20.23 10.67 -5.40
C LYS A 12 -19.69 10.21 -4.02
N PRO A 13 -19.00 11.12 -3.29
CA PRO A 13 -18.56 10.79 -1.94
C PRO A 13 -19.72 10.43 -1.05
N CYS A 14 -19.47 9.64 -0.03
CA CYS A 14 -20.46 9.45 1.01
C CYS A 14 -19.72 9.21 2.32
N ILE A 15 -19.89 10.15 3.26
CA ILE A 15 -19.26 10.14 4.54
C ILE A 15 -20.00 9.19 5.46
N ASN A 16 -19.34 8.09 5.82
CA ASN A 16 -19.99 7.02 6.52
C ASN A 16 -19.82 7.09 8.03
N PRO A 17 -20.72 6.40 8.76
CA PRO A 17 -20.63 6.32 10.20
C PRO A 17 -19.29 5.71 10.62
N PRO A 18 -18.86 5.96 11.85
CA PRO A 18 -19.58 6.65 12.92
C PRO A 18 -19.62 8.18 12.78
N HIS A 19 -20.78 8.74 13.11
CA HIS A 19 -21.00 10.21 13.12
C HIS A 19 -20.84 10.81 14.50
N VAL A 20 -20.46 9.98 15.46
CA VAL A 20 -20.22 10.42 16.82
C VAL A 20 -19.01 9.62 17.35
N VAL A 21 -18.07 10.33 17.97
CA VAL A 21 -16.86 9.73 18.48
C VAL A 21 -16.52 10.36 19.82
N GLY A 22 -16.03 9.56 20.75
CA GLY A 22 -15.66 10.05 22.06
C GLY A 22 -14.18 9.82 22.31
N ASN A 23 -13.61 10.69 23.12
CA ASN A 23 -12.23 10.61 23.54
C ASN A 23 -12.07 11.29 24.86
N TYR A 24 -11.13 10.82 25.69
CA TYR A 24 -10.82 11.53 26.92
C TYR A 24 -10.10 12.88 26.65
N PRO A 25 -10.39 13.86 27.49
CA PRO A 25 -9.69 15.14 27.36
C PRO A 25 -8.21 15.05 27.55
N ALA A 26 -7.50 15.92 26.83
CA ALA A 26 -6.07 16.06 26.95
C ALA A 26 -5.34 14.76 26.57
N THR A 27 -5.98 13.88 25.78
CA THR A 27 -5.31 12.70 25.23
C THR A 27 -5.20 12.84 23.71
N PRO A 28 -4.23 12.13 23.10
CA PRO A 28 -4.16 12.10 21.66
C PRO A 28 -5.51 11.75 21.06
N PHE A 29 -5.83 12.43 19.95
CA PHE A 29 -7.04 12.22 19.14
C PHE A 29 -6.67 11.88 17.70
N LEU A 30 -7.30 10.84 17.18
CA LEU A 30 -7.09 10.37 15.83
C LEU A 30 -8.41 9.83 15.24
N PHE A 31 -8.78 10.29 14.06
CA PHE A 31 -9.98 9.78 13.36
C PHE A 31 -9.87 9.95 11.86
N TYR A 32 -9.89 8.83 11.14
CA TYR A 32 -10.03 8.84 9.70
C TYR A 32 -11.53 8.85 9.37
N ILE A 33 -11.92 9.78 8.52
CA ILE A 33 -13.32 9.95 8.11
C ILE A 33 -13.66 8.89 7.06
N PRO A 34 -14.48 7.90 7.43
CA PRO A 34 -14.73 6.81 6.48
C PRO A 34 -15.60 7.28 5.31
N THR A 35 -15.04 7.22 4.11
CA THR A 35 -15.68 7.88 2.99
C THR A 35 -15.71 7.00 1.75
N SER A 36 -16.91 6.61 1.34
CA SER A 36 -17.11 5.97 0.04
C SER A 36 -16.95 7.00 -1.05
N GLY A 37 -16.65 6.51 -2.24
CA GLY A 37 -16.70 7.28 -3.47
C GLY A 37 -15.44 7.17 -4.33
N GLU A 38 -15.57 7.60 -5.57
CA GLU A 38 -14.42 7.62 -6.46
C GLU A 38 -13.31 8.51 -5.92
N ARG A 39 -12.08 8.05 -6.10
CA ARG A 39 -10.89 8.79 -5.73
C ARG A 39 -10.36 9.57 -6.92
N PRO A 40 -9.62 10.65 -6.68
CA PRO A 40 -9.25 11.15 -5.36
C PRO A 40 -10.39 11.93 -4.72
N ILE A 41 -10.32 11.99 -3.40
CA ILE A 41 -11.25 12.74 -2.57
C ILE A 41 -10.49 13.80 -1.81
N LYS A 42 -11.13 14.95 -1.58
CA LYS A 42 -10.61 15.98 -0.70
C LYS A 42 -11.65 16.29 0.39
N TRP A 43 -11.18 16.48 1.60
CA TRP A 43 -12.04 16.66 2.73
C TRP A 43 -11.95 18.08 3.27
N HIS A 44 -13.03 18.53 3.89
CA HIS A 44 -13.05 19.82 4.56
C HIS A 44 -13.77 19.66 5.85
N ALA A 45 -13.37 20.47 6.82
CA ALA A 45 -14.01 20.47 8.10
C ALA A 45 -14.23 21.90 8.51
N GLU A 46 -15.44 22.21 8.97
CA GLU A 46 -15.72 23.51 9.54
C GLU A 46 -16.05 23.26 11.00
N ASN A 47 -15.53 24.14 11.85
CA ASN A 47 -15.83 24.06 13.28
C ASN A 47 -15.13 22.94 14.07
N LEU A 48 -13.94 22.56 13.65
CA LEU A 48 -13.13 21.63 14.45
C LEU A 48 -12.76 22.30 15.75
N PRO A 49 -12.87 21.59 16.89
CA PRO A 49 -12.48 22.20 18.17
C PRO A 49 -11.00 22.58 18.21
N LYS A 50 -10.64 23.53 19.08
CA LYS A 50 -9.23 23.82 19.37
C LYS A 50 -8.39 22.55 19.63
N GLY A 51 -7.32 22.42 18.87
CA GLY A 51 -6.35 21.38 19.05
C GLY A 51 -6.42 20.30 18.01
N LEU A 52 -7.44 20.34 17.15
CA LEU A 52 -7.58 19.35 16.07
C LEU A 52 -7.35 20.02 14.74
N LYS A 53 -6.77 19.25 13.82
CA LYS A 53 -6.49 19.68 12.46
C LYS A 53 -6.87 18.52 11.55
N LEU A 54 -7.42 18.84 10.38
CA LEU A 54 -7.74 17.85 9.36
C LEU A 54 -6.69 17.90 8.26
N ASP A 55 -6.16 16.75 7.85
CA ASP A 55 -5.40 16.68 6.61
C ASP A 55 -6.38 16.44 5.43
N LYS A 56 -6.53 17.47 4.60
CA LYS A 56 -7.55 17.52 3.56
C LYS A 56 -7.29 16.50 2.48
N GLU A 57 -6.03 16.07 2.36
CA GLU A 57 -5.69 15.08 1.37
C GLU A 57 -5.83 13.66 1.88
N THR A 58 -5.76 13.42 3.19
CA THR A 58 -5.86 12.04 3.72
C THR A 58 -7.12 11.74 4.51
N GLY A 59 -7.87 12.77 4.91
CA GLY A 59 -9.13 12.55 5.60
C GLY A 59 -8.95 12.27 7.07
N ILE A 60 -7.74 12.51 7.58
CA ILE A 60 -7.41 12.22 8.97
C ILE A 60 -7.48 13.48 9.83
N ILE A 61 -8.28 13.41 10.88
CA ILE A 61 -8.35 14.43 11.92
C ILE A 61 -7.47 13.99 13.08
N LYS A 62 -6.63 14.91 13.55
CA LYS A 62 -5.56 14.58 14.48
C LYS A 62 -5.36 15.75 15.44
N GLY A 63 -5.05 15.43 16.69
CA GLY A 63 -4.54 16.39 17.62
C GLY A 63 -4.87 15.99 19.03
N LYS A 64 -5.32 16.97 19.81
CA LYS A 64 -5.64 16.76 21.19
C LYS A 64 -6.58 17.89 21.61
N VAL A 65 -7.74 17.55 22.18
CA VAL A 65 -8.64 18.58 22.71
C VAL A 65 -8.49 18.47 24.21
N VAL A 66 -8.15 19.59 24.81
CA VAL A 66 -7.95 19.66 26.25
C VAL A 66 -9.23 19.86 27.03
N GLU A 67 -10.17 20.62 26.48
CA GLU A 67 -11.37 20.97 27.24
C GLU A 67 -12.49 19.96 26.99
N LYS A 68 -13.08 19.47 28.07
CA LYS A 68 -14.23 18.60 28.04
C LYS A 68 -15.38 19.27 27.28
N GLY A 69 -16.14 18.51 26.52
CA GLY A 69 -17.20 19.12 25.74
C GLY A 69 -17.71 18.32 24.58
N THR A 70 -18.84 18.78 24.03
CA THR A 70 -19.40 18.20 22.82
CA THR A 70 -19.44 18.21 22.84
C THR A 70 -19.32 19.22 21.70
N TYR A 71 -18.68 18.80 20.63
CA TYR A 71 -18.36 19.61 19.50
C TYR A 71 -18.92 19.06 18.20
N LYS A 72 -19.63 19.90 17.45
CA LYS A 72 -20.31 19.48 16.23
C LYS A 72 -19.55 20.10 15.06
N VAL A 73 -18.93 19.23 14.28
CA VAL A 73 -18.07 19.58 13.19
C VAL A 73 -18.79 19.25 11.90
N MSE A 74 -18.69 20.12 10.89
CA MSE A 74 -19.33 19.83 9.61
C MSE A 74 -18.24 19.39 8.67
O MSE A 74 -17.29 20.12 8.47
CB MSE A 74 -20.10 21.03 9.03
CG MSE A 74 -21.31 21.32 9.93
SE MSE A 74 -22.75 19.95 9.89
CE MSE A 74 -22.58 19.31 8.05
N LEU A 75 -18.39 18.18 8.15
CA LEU A 75 -17.44 17.60 7.20
C LEU A 75 -18.01 17.63 5.80
N LYS A 76 -17.13 17.89 4.85
CA LYS A 76 -17.47 17.80 3.47
C LYS A 76 -16.41 16.97 2.77
N ALA A 77 -16.83 16.06 1.90
CA ALA A 77 -15.94 15.32 1.04
C ALA A 77 -16.32 15.57 -0.40
N GLU A 78 -15.32 15.79 -1.25
CA GLU A 78 -15.59 16.14 -2.66
C GLU A 78 -14.74 15.31 -3.58
N ASN A 79 -15.32 14.92 -4.71
CA ASN A 79 -14.55 14.32 -5.80
C ASN A 79 -15.06 14.83 -7.16
N ALA A 80 -14.57 14.25 -8.25
CA ALA A 80 -14.97 14.67 -9.59
C ALA A 80 -16.46 14.47 -9.89
N LEU A 81 -17.17 13.69 -9.09
CA LEU A 81 -18.58 13.43 -9.34
C LEU A 81 -19.52 14.18 -8.43
N GLY A 82 -19.01 14.75 -7.35
CA GLY A 82 -19.84 15.54 -6.46
C GLY A 82 -19.30 15.64 -5.05
N THR A 83 -20.22 15.89 -4.13
CA THR A 83 -19.90 16.16 -2.73
C THR A 83 -20.91 15.57 -1.74
N ASP A 84 -20.46 15.34 -0.51
CA ASP A 84 -21.33 14.92 0.59
C ASP A 84 -20.97 15.74 1.80
N THR A 85 -21.98 16.07 2.58
CA THR A 85 -21.80 16.95 3.74
C THR A 85 -22.44 16.24 4.88
N GLN A 86 -21.77 16.21 6.02
CA GLN A 86 -22.21 15.40 7.12
C GLN A 86 -21.66 15.90 8.43
N GLU A 87 -22.38 15.65 9.52
CA GLU A 87 -21.95 16.10 10.85
C GLU A 87 -21.06 15.04 11.53
N LEU A 88 -20.03 15.48 12.23
CA LEU A 88 -19.29 14.66 13.16
C LEU A 88 -19.40 15.29 14.55
N LEU A 89 -20.03 14.54 15.43
CA LEU A 89 -20.10 14.87 16.82
C LEU A 89 -18.90 14.32 17.57
N ILE A 90 -18.12 15.20 18.17
CA ILE A 90 -16.94 14.85 18.97
C ILE A 90 -17.22 15.12 20.43
N ASN A 91 -17.36 14.05 21.19
CA ASN A 91 -17.57 14.14 22.59
C ASN A 91 -16.27 13.91 23.35
N ILE A 92 -15.74 14.99 23.93
CA ILE A 92 -14.51 14.95 24.67
C ILE A 92 -14.98 14.88 26.07
N GLY A 93 -14.80 13.72 26.68
CA GLY A 93 -15.49 13.40 27.92
C GLY A 93 -14.98 12.17 28.63
N ASP A 94 -15.85 11.62 29.47
CA ASP A 94 -15.52 10.44 30.26
C ASP A 94 -15.75 9.12 29.53
N GLU A 95 -16.15 9.17 28.24
CA GLU A 95 -16.56 7.96 27.52
C GLU A 95 -15.71 7.62 26.29
N LEU A 96 -15.41 6.35 26.11
CA LEU A 96 -14.89 5.90 24.83
C LEU A 96 -15.92 4.98 24.15
N LEU A 97 -15.76 4.77 22.85
CA LEU A 97 -16.61 3.86 22.09
C LEU A 97 -18.09 4.23 22.17
N LEU A 98 -18.41 5.43 21.69
CA LEU A 98 -19.82 5.86 21.65
C LEU A 98 -20.60 5.14 20.57
N THR A 99 -19.88 4.41 19.71
CA THR A 99 -20.43 3.38 18.88
C THR A 99 -19.57 2.12 19.09
N PRO A 100 -20.07 0.96 18.69
CA PRO A 100 -19.25 -0.25 18.86
C PRO A 100 -17.94 -0.22 18.03
N PRO A 101 -16.85 -0.64 18.66
CA PRO A 101 -15.60 -0.72 17.97
C PRO A 101 -15.70 -1.67 16.78
N MSE A 102 -15.07 -1.30 15.68
CA MSE A 102 -14.98 -2.15 14.48
C MSE A 102 -13.55 -2.30 14.15
O MSE A 102 -12.76 -1.37 14.30
CB MSE A 102 -15.66 -1.49 13.28
CG MSE A 102 -17.12 -1.19 13.58
SE MSE A 102 -17.92 -0.17 12.10
CE MSE A 102 -17.55 -1.55 10.77
N GLY A 103 -13.19 -3.47 13.64
CA GLY A 103 -11.81 -3.70 13.34
C GLY A 103 -11.46 -5.14 12.97
N TRP A 104 -10.31 -5.62 13.47
CA TRP A 104 -9.74 -6.96 13.15
C TRP A 104 -8.90 -7.40 14.33
N ASN A 105 -8.88 -8.71 14.58
CA ASN A 105 -8.07 -9.26 15.64
C ASN A 105 -7.29 -10.46 15.05
N SER A 106 -6.04 -10.58 15.47
CA SER A 106 -5.11 -11.59 14.96
C SER A 106 -5.40 -13.05 15.38
N TRP A 107 -6.28 -13.26 16.36
CA TRP A 107 -6.42 -14.56 16.99
C TRP A 107 -7.08 -15.63 16.12
N ASN A 108 -8.28 -15.36 15.59
CA ASN A 108 -9.15 -16.42 15.03
C ASN A 108 -8.60 -17.13 13.79
N THR A 109 -7.69 -16.47 13.07
CA THR A 109 -7.05 -17.06 11.90
C THR A 109 -5.57 -17.41 12.17
N PHE A 110 -4.84 -16.55 12.89
CA PHE A 110 -3.38 -16.62 12.94
C PHE A 110 -2.82 -17.17 14.25
N GLY A 111 -3.57 -17.09 15.33
CA GLY A 111 -3.10 -17.63 16.59
C GLY A 111 -1.77 -17.03 16.99
N ARG A 112 -0.79 -17.87 17.28
CA ARG A 112 0.56 -17.39 17.65
C ARG A 112 1.46 -16.98 16.47
N HIS A 113 0.99 -17.11 15.23
CA HIS A 113 1.75 -16.73 14.03
C HIS A 113 1.63 -15.23 13.62
N LEU A 114 1.79 -14.38 14.61
CA LEU A 114 1.86 -12.94 14.47
C LEU A 114 3.18 -12.48 13.94
N THR A 115 3.18 -11.49 13.06
CA THR A 115 4.39 -10.79 12.68
C THR A 115 4.07 -9.35 12.40
N GLU A 116 5.11 -8.52 12.44
CA GLU A 116 5.01 -7.10 12.10
C GLU A 116 4.44 -6.97 10.68
N GLU A 117 4.92 -7.85 9.78
CA GLU A 117 4.49 -7.93 8.40
C GLU A 117 3.01 -8.14 8.26
N LEU A 118 2.45 -9.02 9.08
CA LEU A 118 1.03 -9.34 9.03
C LEU A 118 0.23 -8.08 9.38
N LEU A 119 0.65 -7.41 10.44
CA LEU A 119 -0.05 -6.23 10.93
C LEU A 119 -0.04 -5.11 9.91
N LEU A 120 1.13 -4.75 9.37
CA LEU A 120 1.20 -3.66 8.40
C LEU A 120 0.42 -4.07 7.14
N GLN A 121 0.59 -5.31 6.67
CA GLN A 121 -0.18 -5.80 5.49
C GLN A 121 -1.71 -5.79 5.70
N THR A 122 -2.15 -6.01 6.93
CA THR A 122 -3.55 -6.01 7.27
C THR A 122 -4.09 -4.57 7.20
N ALA A 123 -3.32 -3.64 7.76
CA ALA A 123 -3.65 -2.21 7.66
C ALA A 123 -3.76 -1.78 6.18
N ASP A 124 -2.78 -2.20 5.34
CA ASP A 124 -2.76 -1.82 3.92
C ASP A 124 -3.98 -2.40 3.21
N ALA A 125 -4.34 -3.63 3.56
CA ALA A 125 -5.47 -4.26 2.91
C ALA A 125 -6.74 -3.48 3.23
N MSE A 126 -6.88 -3.09 4.48
CA MSE A 126 -8.09 -2.39 4.96
C MSE A 126 -8.18 -1.01 4.35
O MSE A 126 -9.29 -0.53 4.08
CB MSE A 126 -8.04 -2.36 6.48
CG MSE A 126 -8.59 -3.65 7.09
SE MSE A 126 -8.08 -3.84 9.00
CE MSE A 126 -9.15 -2.37 9.70
N VAL A 127 -7.04 -0.37 4.14
CA VAL A 127 -7.01 0.88 3.39
C VAL A 127 -7.59 0.69 1.99
N GLU A 128 -7.17 -0.38 1.33
CA GLU A 128 -7.39 -0.56 -0.08
C GLU A 128 -8.66 -1.33 -0.40
N ASN A 129 -9.24 -2.06 0.56
CA ASN A 129 -10.31 -2.99 0.23
C ASN A 129 -11.70 -2.52 0.60
N GLY A 130 -11.83 -1.29 1.12
CA GLY A 130 -13.13 -0.81 1.51
C GLY A 130 -13.41 -0.76 2.99
N MSE A 131 -12.73 -1.57 3.80
CA MSE A 131 -13.10 -1.70 5.24
C MSE A 131 -12.83 -0.42 6.00
O MSE A 131 -13.67 -0.01 6.82
CB MSE A 131 -12.39 -2.88 5.93
CG MSE A 131 -12.86 -4.21 5.29
SE MSE A 131 -11.86 -5.68 6.11
CE MSE A 131 -12.23 -5.39 8.02
N ARG A 132 -11.69 0.23 5.74
CA ARG A 132 -11.43 1.51 6.43
C ARG A 132 -12.51 2.53 6.13
N ASP A 133 -13.02 2.50 4.91
CA ASP A 133 -14.05 3.49 4.54
C ASP A 133 -15.46 3.14 5.01
N LEU A 134 -15.61 1.97 5.64
CA LEU A 134 -16.81 1.59 6.36
C LEU A 134 -16.66 1.59 7.86
N GLY A 135 -15.52 2.08 8.35
CA GLY A 135 -15.39 2.37 9.77
C GLY A 135 -14.61 1.39 10.55
N TYR A 136 -14.09 0.35 9.87
CA TYR A 136 -13.22 -0.56 10.53
C TYR A 136 -11.92 0.19 10.84
N ALA A 137 -11.55 0.25 12.12
CA ALA A 137 -10.40 1.03 12.52
C ALA A 137 -9.43 0.34 13.46
N TYR A 138 -9.92 -0.51 14.36
CA TYR A 138 -9.07 -1.13 15.38
C TYR A 138 -8.36 -2.31 14.77
N ILE A 139 -7.03 -2.34 14.90
CA ILE A 139 -6.25 -3.51 14.46
C ILE A 139 -5.58 -4.07 15.70
N ASN A 140 -6.11 -5.20 16.16
CA ASN A 140 -5.80 -5.70 17.48
C ASN A 140 -4.87 -6.92 17.45
N ILE A 141 -3.75 -6.78 18.15
CA ILE A 141 -2.85 -7.87 18.45
C ILE A 141 -3.44 -8.65 19.62
N ASP A 142 -3.62 -9.94 19.43
CA ASP A 142 -4.05 -10.80 20.49
C ASP A 142 -2.80 -11.44 21.16
N ASP A 143 -2.91 -12.67 21.65
CA ASP A 143 -1.88 -13.30 22.50
C ASP A 143 -0.62 -13.59 21.67
N PHE A 144 0.51 -13.69 22.35
CA PHE A 144 1.80 -14.20 21.82
C PHE A 144 2.69 -13.15 21.13
N TRP A 145 2.47 -11.87 21.40
CA TRP A 145 3.35 -10.81 20.92
C TRP A 145 4.56 -10.65 21.83
N GLN A 146 4.41 -11.19 23.04
CA GLN A 146 5.37 -11.04 24.11
C GLN A 146 6.07 -12.35 24.40
N LEU A 147 7.18 -12.25 25.09
CA LEU A 147 7.95 -13.44 25.45
C LEU A 147 7.36 -14.08 26.70
N PRO A 148 7.71 -15.36 26.96
CA PRO A 148 7.14 -16.03 28.12
C PRO A 148 7.48 -15.38 29.47
N GLU A 149 8.71 -14.89 29.64
CA GLU A 149 9.10 -14.35 30.94
C GLU A 149 9.20 -12.81 30.94
N ARG A 150 8.78 -12.21 32.03
CA ARG A 150 9.04 -10.80 32.28
C ARG A 150 10.53 -10.51 32.27
N GLY A 151 10.92 -9.35 31.76
CA GLY A 151 12.34 -8.96 31.75
C GLY A 151 12.93 -8.80 33.14
N ALA A 152 14.26 -8.92 33.23
CA ALA A 152 14.99 -8.77 34.49
C ALA A 152 14.79 -7.39 35.04
N ASP A 153 14.56 -6.41 34.17
CA ASP A 153 14.24 -5.04 34.59
C ASP A 153 12.79 -4.85 35.02
N GLY A 154 11.98 -5.90 35.01
CA GLY A 154 10.57 -5.79 35.40
C GLY A 154 9.61 -5.38 34.28
N HIS A 155 10.10 -5.25 33.06
CA HIS A 155 9.23 -4.92 31.93
C HIS A 155 8.92 -6.13 31.09
N ILE A 156 7.71 -6.14 30.55
CA ILE A 156 7.24 -7.20 29.70
C ILE A 156 8.04 -7.14 28.40
N GLN A 157 8.40 -8.29 27.84
CA GLN A 157 9.34 -8.29 26.70
C GLN A 157 8.60 -8.58 25.39
N ILE A 158 8.80 -7.69 24.42
CA ILE A 158 8.23 -7.85 23.11
C ILE A 158 9.02 -8.96 22.48
N ASP A 159 8.33 -9.85 21.81
CA ASP A 159 9.00 -10.86 21.02
C ASP A 159 9.51 -10.21 19.71
N LYS A 160 10.82 -9.96 19.64
CA LYS A 160 11.42 -9.25 18.52
C LYS A 160 11.80 -10.17 17.33
N THR A 161 11.53 -11.44 17.45
CA THR A 161 11.48 -12.26 16.23
C THR A 161 10.21 -11.92 15.44
N LYS A 162 9.16 -11.46 16.14
CA LYS A 162 7.87 -11.23 15.51
C LYS A 162 7.71 -9.76 15.16
N PHE A 163 8.07 -8.90 16.12
CA PHE A 163 8.05 -7.44 16.02
C PHE A 163 9.45 -6.84 16.20
N PRO A 164 10.31 -7.00 15.18
CA PRO A 164 11.72 -6.66 15.28
C PRO A 164 12.01 -5.18 15.39
N ARG A 165 11.03 -4.33 15.12
CA ARG A 165 11.16 -2.90 15.43
C ARG A 165 10.30 -2.46 16.60
N GLY A 166 9.75 -3.42 17.32
CA GLY A 166 8.92 -3.14 18.44
C GLY A 166 7.50 -2.89 18.05
N ILE A 167 6.70 -2.68 19.09
CA ILE A 167 5.28 -2.45 18.96
C ILE A 167 5.00 -1.03 18.49
N LYS A 168 5.72 -0.07 19.04
CA LYS A 168 5.48 1.34 18.65
C LYS A 168 5.61 1.56 17.13
N TYR A 169 6.54 0.86 16.53
CA TYR A 169 6.65 0.93 15.09
C TYR A 169 5.33 0.63 14.37
N VAL A 170 4.65 -0.42 14.83
CA VAL A 170 3.39 -0.83 14.27
C VAL A 170 2.30 0.21 14.60
N ALA A 171 2.28 0.62 15.84
CA ALA A 171 1.37 1.67 16.22
C ALA A 171 1.52 2.87 15.28
N ASP A 172 2.76 3.32 15.09
CA ASP A 172 3.02 4.52 14.30
C ASP A 172 2.46 4.33 12.89
N TYR A 173 2.71 3.14 12.33
CA TYR A 173 2.28 2.86 10.98
C TYR A 173 0.78 2.88 10.86
N LEU A 174 0.10 2.34 11.88
CA LEU A 174 -1.32 2.21 11.91
C LEU A 174 -1.92 3.63 12.05
N HIS A 175 -1.37 4.41 12.98
CA HIS A 175 -1.90 5.80 13.21
C HIS A 175 -1.74 6.70 11.99
N GLU A 176 -0.66 6.51 11.23
CA GLU A 176 -0.46 7.24 9.97
C GLU A 176 -1.71 7.11 9.05
N ARG A 177 -2.39 5.98 9.15
CA ARG A 177 -3.55 5.69 8.32
C ARG A 177 -4.90 5.75 9.03
N GLY A 178 -4.92 6.23 10.28
CA GLY A 178 -6.15 6.46 11.00
C GLY A 178 -6.61 5.24 11.78
N PHE A 179 -5.77 4.22 11.86
CA PHE A 179 -6.07 2.97 12.56
C PHE A 179 -5.66 3.08 14.02
N LYS A 180 -6.30 2.25 14.84
CA LYS A 180 -6.01 2.13 16.24
C LYS A 180 -5.36 0.80 16.49
N LEU A 181 -4.41 0.79 17.44
CA LEU A 181 -3.67 -0.44 17.79
C LEU A 181 -4.21 -1.04 19.07
N GLY A 182 -4.61 -2.29 19.00
CA GLY A 182 -4.98 -3.08 20.17
C GLY A 182 -3.86 -4.06 20.56
N ILE A 183 -3.75 -4.33 21.85
CA ILE A 183 -2.79 -5.31 22.36
C ILE A 183 -3.48 -6.17 23.39
N TYR A 184 -2.78 -7.12 23.97
CA TYR A 184 -3.38 -8.15 24.79
C TYR A 184 -2.49 -8.50 25.98
N SER A 185 -3.13 -8.69 27.12
CA SER A 185 -2.43 -9.26 28.27
C SER A 185 -3.45 -10.06 29.08
N ASP A 186 -3.09 -10.41 30.30
CA ASP A 186 -3.87 -11.34 31.11
C ASP A 186 -3.67 -10.97 32.55
N ALA A 187 -4.72 -11.07 33.35
CA ALA A 187 -4.68 -10.72 34.78
C ALA A 187 -4.11 -11.87 35.65
N ALA A 188 -2.92 -12.33 35.26
CA ALA A 188 -2.19 -13.36 35.94
C ALA A 188 -0.74 -13.19 35.59
N ASP A 189 0.08 -14.13 36.05
CA ASP A 189 1.47 -14.21 35.64
C ASP A 189 1.59 -14.68 34.19
N LYS A 190 0.66 -15.48 33.72
CA LYS A 190 0.69 -16.07 32.36
C LYS A 190 -0.64 -15.95 31.62
N THR A 191 -0.55 -15.64 30.34
CA THR A 191 -1.69 -15.56 29.47
C THR A 191 -2.26 -16.95 29.23
N CYS A 192 -3.44 -16.98 28.60
CA CYS A 192 -4.05 -18.25 28.15
C CYS A 192 -3.06 -19.09 27.39
N GLY A 193 -2.21 -18.45 26.59
CA GLY A 193 -1.19 -19.15 25.82
C GLY A 193 0.11 -19.53 26.53
N GLY A 194 0.31 -19.09 27.77
CA GLY A 194 1.53 -19.37 28.52
C GLY A 194 2.67 -18.38 28.35
N VAL A 195 2.39 -17.19 27.83
CA VAL A 195 3.42 -16.15 27.79
C VAL A 195 3.08 -15.04 28.84
N CYS A 196 3.89 -14.01 28.90
CA CYS A 196 3.91 -13.15 30.08
C CYS A 196 2.63 -12.37 30.20
N GLY A 197 2.08 -12.37 31.42
CA GLY A 197 0.93 -11.50 31.78
C GLY A 197 1.29 -10.34 32.66
N SER A 198 0.28 -9.67 33.20
CA SER A 198 0.44 -8.35 33.83
C SER A 198 0.10 -8.27 35.34
N TYR A 199 -0.37 -9.35 35.95
CA TYR A 199 -0.79 -9.25 37.36
C TYR A 199 0.33 -8.76 38.26
N GLY A 200 0.02 -7.75 39.06
CA GLY A 200 0.97 -7.13 39.95
C GLY A 200 1.85 -6.08 39.29
N TYR A 201 1.84 -5.99 37.94
CA TYR A 201 2.65 -5.03 37.19
C TYR A 201 1.79 -4.15 36.29
N GLU A 202 0.56 -3.92 36.73
CA GLU A 202 -0.38 -3.25 35.86
C GLU A 202 0.08 -1.84 35.50
N GLU A 203 0.70 -1.14 36.45
CA GLU A 203 1.02 0.27 36.25
C GLU A 203 2.17 0.34 35.29
N ILE A 204 3.17 -0.51 35.50
CA ILE A 204 4.33 -0.52 34.63
C ILE A 204 3.97 -1.01 33.21
N ASP A 205 3.09 -2.01 33.08
CA ASP A 205 2.66 -2.42 31.73
C ASP A 205 1.79 -1.35 31.04
N ALA A 206 0.88 -0.72 31.78
CA ALA A 206 0.04 0.31 31.18
C ALA A 206 0.87 1.49 30.69
N ARG A 207 1.89 1.85 31.46
CA ARG A 207 2.81 2.92 31.06
C ARG A 207 3.54 2.53 29.78
N ASP A 208 4.05 1.31 29.71
CA ASP A 208 4.70 0.84 28.51
C ASP A 208 3.73 0.91 27.33
N PHE A 209 2.51 0.40 27.51
CA PHE A 209 1.50 0.34 26.44
C PHE A 209 1.24 1.71 25.89
N ALA A 210 1.00 2.65 26.80
CA ALA A 210 0.83 4.04 26.42
C ALA A 210 2.02 4.62 25.65
N SER A 211 3.24 4.40 26.13
CA SER A 211 4.43 4.87 25.42
C SER A 211 4.58 4.26 24.00
N TRP A 212 4.08 3.04 23.79
CA TRP A 212 4.07 2.44 22.47
C TRP A 212 2.92 2.95 21.57
N GLY A 213 2.00 3.76 22.11
CA GLY A 213 0.88 4.26 21.32
C GLY A 213 -0.30 3.32 21.21
N VAL A 214 -0.38 2.35 22.13
CA VAL A 214 -1.54 1.44 22.21
C VAL A 214 -2.85 2.19 22.44
N ASP A 215 -3.89 1.76 21.74
CA ASP A 215 -5.18 2.35 21.83
C ASP A 215 -6.23 1.46 22.49
N LEU A 216 -5.94 0.17 22.61
CA LEU A 216 -6.88 -0.79 23.18
C LEU A 216 -6.14 -1.97 23.86
N LEU A 217 -6.63 -2.35 25.04
CA LEU A 217 -6.14 -3.52 25.73
C LEU A 217 -7.27 -4.53 25.97
N LYS A 218 -7.06 -5.74 25.45
CA LYS A 218 -7.88 -6.87 25.76
C LYS A 218 -7.19 -7.52 26.95
N TYR A 219 -7.95 -7.76 28.01
CA TYR A 219 -7.37 -8.24 29.27
C TYR A 219 -8.02 -9.58 29.67
N ASP A 220 -7.28 -10.68 29.43
CA ASP A 220 -7.80 -12.03 29.62
C ASP A 220 -7.68 -12.48 31.09
N TYR A 221 -8.30 -13.61 31.41
CA TYR A 221 -8.40 -14.07 32.79
C TYR A 221 -7.89 -15.50 33.00
N CYS A 222 -7.13 -16.06 32.06
CA CYS A 222 -6.53 -17.37 32.31
C CYS A 222 -5.65 -17.34 33.50
N ASN A 223 -5.60 -18.48 34.19
CA ASN A 223 -4.68 -18.68 35.33
C ASN A 223 -4.98 -17.78 36.53
N ALA A 224 -6.10 -17.07 36.51
CA ALA A 224 -6.52 -16.28 37.67
C ALA A 224 -7.56 -17.01 38.47
N PRO A 225 -7.66 -16.69 39.77
CA PRO A 225 -8.64 -17.37 40.61
C PRO A 225 -10.09 -17.00 40.22
N ALA A 226 -11.00 -17.99 40.30
CA ALA A 226 -12.37 -17.86 39.82
C ALA A 226 -13.24 -16.82 40.56
N GLY A 227 -12.89 -16.55 41.83
CA GLY A 227 -13.68 -15.62 42.67
C GLY A 227 -14.06 -14.31 41.99
N ARG A 228 -15.33 -13.93 42.17
CA ARG A 228 -15.89 -12.79 41.49
C ARG A 228 -15.31 -11.48 42.02
N VAL A 229 -15.14 -11.39 43.33
CA VAL A 229 -14.47 -10.24 43.93
C VAL A 229 -13.02 -10.19 43.50
N GLU A 230 -12.34 -11.34 43.46
CA GLU A 230 -10.96 -11.37 42.99
C GLU A 230 -10.85 -10.86 41.55
N ALA A 231 -11.77 -11.31 40.71
CA ALA A 231 -11.80 -10.82 39.33
C ALA A 231 -12.03 -9.31 39.25
N MSE A 232 -13.00 -8.84 39.98
CA MSE A 232 -13.35 -7.43 39.95
C MSE A 232 -12.17 -6.59 40.35
O MSE A 232 -11.89 -5.55 39.72
CB MSE A 232 -14.54 -7.14 40.85
CG MSE A 232 -15.82 -7.52 40.12
SE MSE A 232 -17.34 -7.51 41.38
CE MSE A 232 -17.48 -5.60 41.75
N GLU A 233 -11.45 -7.00 41.41
CA GLU A 233 -10.30 -6.25 41.91
C GLU A 233 -9.20 -6.20 40.91
N ARG A 234 -8.95 -7.33 40.23
CA ARG A 234 -7.88 -7.41 39.25
C ARG A 234 -8.16 -6.57 38.02
N TYR A 235 -9.39 -6.56 37.56
CA TYR A 235 -9.79 -5.73 36.45
C TYR A 235 -9.70 -4.26 36.86
N GLU A 236 -10.10 -3.96 38.09
CA GLU A 236 -10.08 -2.55 38.57
C GLU A 236 -8.64 -2.01 38.63
N LYS A 237 -7.70 -2.85 39.04
CA LYS A 237 -6.29 -2.46 39.07
C LYS A 237 -5.85 -2.02 37.68
N MSE A 238 -6.13 -2.85 36.68
CA MSE A 238 -5.69 -2.52 35.32
C MSE A 238 -6.47 -1.36 34.73
O MSE A 238 -5.90 -0.57 33.97
CB MSE A 238 -5.82 -3.73 34.41
CG MSE A 238 -5.34 -3.48 32.98
SE MSE A 238 -3.53 -2.71 32.88
CE MSE A 238 -2.54 -4.35 32.44
N GLY A 239 -7.75 -1.24 35.08
CA GLY A 239 -8.58 -0.16 34.57
C GLY A 239 -8.10 1.18 35.07
N ARG A 240 -7.79 1.25 36.35
CA ARG A 240 -7.20 2.45 36.94
C ARG A 240 -5.78 2.76 36.36
N ALA A 241 -4.97 1.72 36.18
CA ALA A 241 -3.65 1.90 35.56
C ALA A 241 -3.76 2.48 34.14
N LEU A 242 -4.67 1.94 33.32
CA LEU A 242 -4.90 2.53 32.00
C LEU A 242 -5.33 4.02 32.05
N ARG A 243 -6.29 4.34 32.89
CA ARG A 243 -6.72 5.75 33.08
C ARG A 243 -5.66 6.68 33.68
N ALA A 244 -4.64 6.14 34.35
CA ALA A 244 -3.54 7.00 34.83
C ALA A 244 -2.51 7.31 33.71
N THR A 245 -2.58 6.64 32.55
CA THR A 245 -1.69 7.00 31.46
C THR A 245 -2.13 8.30 30.78
N ASP A 246 -1.32 8.77 29.83
CA ASP A 246 -1.62 10.00 29.08
C ASP A 246 -2.48 9.78 27.80
N ARG A 247 -3.10 8.62 27.67
CA ARG A 247 -3.88 8.22 26.51
C ARG A 247 -5.27 7.75 26.82
N SER A 248 -6.14 7.84 25.83
CA SER A 248 -7.42 7.16 25.87
C SER A 248 -7.23 5.71 25.40
N ILE A 249 -7.14 4.77 26.35
CA ILE A 249 -7.02 3.34 26.00
C ILE A 249 -8.30 2.60 26.31
N VAL A 250 -8.83 1.95 25.29
CA VAL A 250 -10.01 1.11 25.42
C VAL A 250 -9.67 -0.11 26.26
N PHE A 251 -10.56 -0.43 27.19
CA PHE A 251 -10.35 -1.54 28.11
C PHE A 251 -11.37 -2.64 27.77
N SER A 252 -10.89 -3.70 27.11
CA SER A 252 -11.72 -4.85 26.73
C SER A 252 -11.49 -5.91 27.78
N ILE A 253 -12.57 -6.23 28.48
CA ILE A 253 -12.56 -7.18 29.56
C ILE A 253 -12.92 -8.57 29.00
N CYS A 254 -12.14 -9.55 29.40
CA CYS A 254 -12.24 -10.89 28.81
C CYS A 254 -12.09 -11.93 29.91
N GLU A 255 -13.22 -12.21 30.57
CA GLU A 255 -13.29 -13.31 31.55
C GLU A 255 -14.48 -14.24 31.21
N TRP A 256 -14.80 -14.28 29.92
CA TRP A 256 -15.72 -15.25 29.29
C TRP A 256 -17.16 -15.19 29.87
N GLY A 257 -17.52 -14.09 30.49
CA GLY A 257 -18.90 -13.91 30.98
C GLY A 257 -19.21 -14.69 32.24
N GLN A 258 -18.22 -15.38 32.80
CA GLN A 258 -18.46 -16.27 33.94
C GLN A 258 -18.94 -15.53 35.22
N ARG A 259 -18.51 -14.30 35.42
CA ARG A 259 -18.84 -13.55 36.63
C ARG A 259 -19.80 -12.39 36.36
N GLU A 260 -20.66 -12.56 35.35
CA GLU A 260 -21.61 -11.53 34.97
C GLU A 260 -20.97 -10.13 34.80
N PRO A 261 -19.92 -10.02 33.98
CA PRO A 261 -19.21 -8.79 33.80
C PRO A 261 -20.10 -7.61 33.33
N TRP A 262 -21.22 -7.89 32.68
CA TRP A 262 -22.16 -6.80 32.31
C TRP A 262 -22.61 -5.98 33.52
N LYS A 263 -22.64 -6.58 34.69
CA LYS A 263 -23.03 -5.83 35.89
C LYS A 263 -21.92 -4.96 36.48
N TRP A 264 -20.66 -5.35 36.33
CA TRP A 264 -19.58 -4.61 37.00
C TRP A 264 -18.47 -4.08 36.09
N ALA A 265 -18.49 -4.40 34.81
CA ALA A 265 -17.37 -3.99 33.94
C ALA A 265 -17.23 -2.47 33.78
N LYS A 266 -18.33 -1.77 33.63
CA LYS A 266 -18.31 -0.35 33.50
C LYS A 266 -17.73 0.23 34.80
N LYS A 267 -18.09 -0.35 35.95
CA LYS A 267 -17.60 0.17 37.24
C LYS A 267 -16.08 0.08 37.39
N VAL A 268 -15.42 -0.89 36.77
CA VAL A 268 -13.96 -0.99 36.88
C VAL A 268 -13.25 -0.34 35.67
N GLY A 269 -13.98 0.39 34.85
CA GLY A 269 -13.44 1.13 33.71
C GLY A 269 -13.41 0.40 32.38
N GLY A 270 -14.14 -0.70 32.24
CA GLY A 270 -14.25 -1.39 30.96
C GLY A 270 -15.20 -0.68 30.00
N HIS A 271 -14.89 -0.78 28.71
CA HIS A 271 -15.73 -0.28 27.63
C HIS A 271 -16.42 -1.40 26.85
N LEU A 272 -15.93 -2.62 27.02
CA LEU A 272 -16.57 -3.80 26.43
C LEU A 272 -16.17 -5.02 27.23
N TRP A 273 -17.04 -6.02 27.24
CA TRP A 273 -16.83 -7.17 28.09
C TRP A 273 -17.36 -8.40 27.43
N ARG A 274 -16.54 -9.43 27.40
CA ARG A 274 -16.95 -10.71 26.82
C ARG A 274 -18.05 -11.34 27.64
N VAL A 275 -19.12 -11.77 26.98
CA VAL A 275 -20.27 -12.35 27.66
C VAL A 275 -20.26 -13.89 27.62
N SER A 276 -19.37 -14.47 26.84
CA SER A 276 -19.36 -15.92 26.61
C SER A 276 -17.96 -16.48 26.51
N GLY A 277 -17.85 -17.81 26.46
CA GLY A 277 -16.60 -18.45 26.12
C GLY A 277 -16.27 -18.24 24.64
N ASP A 278 -15.10 -18.72 24.24
CA ASP A 278 -14.57 -18.38 22.93
C ASP A 278 -15.42 -18.90 21.78
N ILE A 279 -15.61 -18.04 20.78
CA ILE A 279 -16.42 -18.36 19.63
C ILE A 279 -15.69 -19.36 18.76
N GLY A 280 -16.46 -20.25 18.17
CA GLY A 280 -15.95 -21.16 17.17
C GLY A 280 -16.51 -20.83 15.80
N ASP A 281 -15.84 -21.34 14.79
CA ASP A 281 -16.31 -21.23 13.41
C ASP A 281 -17.31 -22.39 13.21
N LEU A 282 -18.48 -22.25 13.85
CA LEU A 282 -19.57 -23.24 13.77
C LEU A 282 -20.88 -22.59 14.18
N TRP A 283 -22.00 -23.10 13.68
CA TRP A 283 -23.34 -22.53 13.90
C TRP A 283 -23.89 -22.74 15.32
N ASN A 284 -23.67 -23.95 15.84
CA ASN A 284 -24.33 -24.38 17.05
C ASN A 284 -23.65 -25.61 17.67
N ARG A 285 -23.08 -25.49 18.88
CA ARG A 285 -22.41 -26.61 19.53
CA ARG A 285 -22.41 -26.64 19.50
C ARG A 285 -23.44 -27.48 20.25
N GLY A 292 -12.59 -22.01 20.65
CA GLY A 292 -13.20 -22.61 19.47
C GLY A 292 -14.41 -23.45 19.81
N LEU A 293 -15.04 -23.16 20.95
CA LEU A 293 -16.04 -24.04 21.51
C LEU A 293 -17.49 -23.51 21.28
N ARG A 294 -17.79 -22.23 21.50
CA ARG A 294 -19.22 -21.80 21.39
C ARG A 294 -19.66 -21.53 19.94
N GLY A 295 -20.82 -22.07 19.58
CA GLY A 295 -21.42 -21.79 18.28
C GLY A 295 -22.10 -20.43 18.25
N ILE A 296 -22.34 -19.93 17.06
CA ILE A 296 -23.00 -18.64 16.88
C ILE A 296 -24.33 -18.60 17.65
N LEU A 297 -25.14 -19.66 17.53
CA LEU A 297 -26.48 -19.66 18.16
C LEU A 297 -26.40 -19.71 19.68
N ASN A 298 -25.38 -20.36 20.21
CA ASN A 298 -25.22 -20.42 21.67
C ASN A 298 -24.92 -19.03 22.24
N ILE A 299 -24.10 -18.29 21.52
CA ILE A 299 -23.74 -16.94 21.94
C ILE A 299 -24.98 -16.01 21.89
N LEU A 300 -25.82 -16.16 20.88
CA LEU A 300 -27.09 -15.38 20.85
C LEU A 300 -27.95 -15.58 22.10
N GLU A 301 -28.07 -16.84 22.51
CA GLU A 301 -28.83 -17.22 23.72
C GLU A 301 -28.29 -16.49 24.92
N ILE A 302 -26.98 -16.39 25.05
CA ILE A 302 -26.37 -15.71 26.18
C ILE A 302 -26.59 -14.22 26.13
N ASN A 303 -26.49 -13.66 24.95
CA ASN A 303 -26.46 -12.22 24.83
C ASN A 303 -27.87 -11.60 24.82
N ALA A 304 -28.87 -12.35 24.37
CA ALA A 304 -30.24 -11.88 24.24
C ALA A 304 -30.78 -11.13 25.46
N PRO A 305 -30.69 -11.73 26.67
CA PRO A 305 -31.21 -11.02 27.84
C PRO A 305 -30.30 -9.90 28.40
N LEU A 306 -29.18 -9.59 27.74
CA LEU A 306 -28.23 -8.59 28.29
C LEU A 306 -28.36 -7.19 27.65
N SER A 307 -29.43 -6.97 26.88
CA SER A 307 -29.53 -5.76 26.09
C SER A 307 -29.61 -4.48 26.94
N GLU A 308 -30.12 -4.58 28.15
CA GLU A 308 -30.25 -3.40 29.05
C GLU A 308 -28.89 -2.94 29.60
N TYR A 309 -27.84 -3.75 29.44
CA TYR A 309 -26.51 -3.41 29.97
C TYR A 309 -25.62 -2.70 28.98
N ALA A 310 -26.06 -2.61 27.72
CA ALA A 310 -25.29 -1.97 26.66
C ALA A 310 -25.85 -0.61 26.37
N ARG A 311 -24.95 0.32 26.07
CA ARG A 311 -25.30 1.66 25.65
C ARG A 311 -24.05 2.37 25.18
N PRO A 312 -24.18 3.56 24.59
CA PRO A 312 -22.93 4.20 24.14
C PRO A 312 -21.86 4.21 25.23
N GLY A 313 -20.66 3.75 24.89
CA GLY A 313 -19.57 3.69 25.86
C GLY A 313 -19.41 2.41 26.66
N GLY A 314 -20.23 1.39 26.40
CA GLY A 314 -20.11 0.13 27.06
C GLY A 314 -20.94 -0.94 26.43
N TRP A 315 -20.27 -1.95 25.86
CA TRP A 315 -20.93 -2.91 25.02
C TRP A 315 -20.71 -4.35 25.48
N ASN A 316 -21.74 -5.19 25.29
CA ASN A 316 -21.61 -6.59 25.42
C ASN A 316 -20.80 -7.13 24.22
N ASP A 317 -19.78 -7.94 24.50
CA ASP A 317 -18.89 -8.46 23.46
C ASP A 317 -19.15 -9.96 23.25
N PRO A 318 -19.84 -10.31 22.14
CA PRO A 318 -20.13 -11.74 21.84
C PRO A 318 -19.01 -12.44 21.10
N ASP A 319 -17.83 -11.82 21.15
CA ASP A 319 -16.58 -12.29 20.62
C ASP A 319 -16.41 -11.96 19.13
N MSE A 320 -15.21 -12.27 18.65
CA MSE A 320 -14.75 -11.90 17.31
C MSE A 320 -15.55 -12.58 16.23
O MSE A 320 -16.03 -13.70 16.38
CB MSE A 320 -13.23 -12.21 17.29
CG MSE A 320 -12.42 -11.31 18.27
SE MSE A 320 -10.69 -12.11 18.83
CE MSE A 320 -11.19 -13.78 19.73
N LEU A 321 -15.71 -11.88 15.10
CA LEU A 321 -16.37 -12.43 13.93
C LEU A 321 -15.60 -13.59 13.32
N VAL A 322 -16.34 -14.58 12.83
CA VAL A 322 -15.76 -15.75 12.17
C VAL A 322 -16.16 -15.81 10.70
N VAL A 323 -16.81 -14.76 10.24
CA VAL A 323 -17.11 -14.52 8.82
C VAL A 323 -15.84 -14.72 8.00
N GLY A 324 -15.89 -15.60 7.02
CA GLY A 324 -14.82 -15.71 6.05
C GLY A 324 -13.71 -16.71 6.40
N ILE A 325 -13.87 -17.44 7.49
CA ILE A 325 -12.82 -18.34 7.90
C ILE A 325 -12.97 -19.68 7.17
N GLY A 326 -14.21 -20.13 6.95
CA GLY A 326 -14.52 -21.37 6.23
C GLY A 326 -13.71 -22.57 6.70
N GLY A 327 -13.56 -22.72 8.01
CA GLY A 327 -12.77 -23.82 8.59
C GLY A 327 -11.25 -23.63 8.65
N LYS A 328 -10.71 -22.65 7.92
CA LYS A 328 -9.26 -22.51 7.72
C LYS A 328 -8.60 -21.62 8.78
N SER A 329 -7.99 -22.22 9.79
CA SER A 329 -7.50 -21.43 10.92
C SER A 329 -6.39 -22.12 11.74
N LYS A 330 -5.31 -21.38 12.03
CA LYS A 330 -4.17 -21.80 12.86
C LYS A 330 -4.41 -21.61 14.36
N SER A 331 -5.60 -21.17 14.76
CA SER A 331 -6.04 -21.15 16.17
C SER A 331 -7.32 -21.98 16.50
N ILE A 332 -8.36 -21.92 15.66
CA ILE A 332 -9.67 -22.57 15.97
C ILE A 332 -10.17 -23.55 14.89
N GLY A 333 -9.28 -23.92 13.96
CA GLY A 333 -9.63 -24.83 12.86
C GLY A 333 -9.87 -26.26 13.36
N TYR A 334 -9.19 -26.63 14.45
CA TYR A 334 -9.35 -27.94 15.09
C TYR A 334 -10.79 -28.23 15.50
N GLU A 335 -11.36 -27.35 16.34
CA GLU A 335 -12.69 -27.58 16.94
C GLU A 335 -13.83 -26.84 16.21
N SER A 336 -13.73 -26.71 14.88
CA SER A 336 -14.65 -25.89 14.06
C SER A 336 -14.98 -26.52 12.70
N GLU A 337 -16.27 -26.53 12.36
CA GLU A 337 -16.74 -27.17 11.13
C GLU A 337 -16.59 -26.27 9.88
N GLY A 338 -16.70 -24.95 10.05
CA GLY A 338 -17.00 -24.02 8.95
C GLY A 338 -18.51 -23.85 8.87
N CYS A 339 -18.98 -22.69 8.44
CA CYS A 339 -20.43 -22.41 8.31
C CYS A 339 -20.81 -22.21 6.82
N THR A 340 -22.11 -22.19 6.51
CA THR A 340 -22.61 -21.73 5.20
C THR A 340 -22.47 -20.21 5.07
N ASN A 341 -22.58 -19.67 3.87
CA ASN A 341 -22.56 -18.21 3.72
C ASN A 341 -23.82 -17.57 4.28
N GLU A 342 -24.90 -18.31 4.20
CA GLU A 342 -26.13 -17.91 4.82
C GLU A 342 -25.90 -17.68 6.32
N GLN A 343 -25.29 -18.66 6.95
CA GLN A 343 -24.99 -18.63 8.38
C GLN A 343 -23.99 -17.54 8.73
N TYR A 344 -22.96 -17.35 7.91
CA TYR A 344 -22.04 -16.21 8.15
C TYR A 344 -22.76 -14.84 8.09
N GLN A 345 -23.66 -14.70 7.14
CA GLN A 345 -24.39 -13.45 6.99
C GLN A 345 -25.32 -13.20 8.16
N SER A 346 -26.01 -14.25 8.61
CA SER A 346 -26.84 -14.20 9.82
C SER A 346 -25.98 -13.84 11.03
N HIS A 347 -24.80 -14.42 11.11
CA HIS A 347 -23.83 -14.04 12.16
C HIS A 347 -23.48 -12.54 12.16
N PHE A 348 -23.11 -11.99 11.02
CA PHE A 348 -22.74 -10.59 10.92
C PHE A 348 -23.93 -9.65 11.22
N ALA A 349 -25.07 -9.95 10.62
CA ALA A 349 -26.31 -9.24 10.77
C ALA A 349 -26.72 -9.15 12.24
N LEU A 350 -26.66 -10.28 12.94
CA LEU A 350 -26.98 -10.31 14.37
C LEU A 350 -25.96 -9.55 15.22
N TRP A 351 -24.68 -9.68 14.92
CA TRP A 351 -23.65 -8.87 15.60
C TRP A 351 -23.94 -7.38 15.38
N CYS A 352 -24.39 -7.01 14.18
CA CYS A 352 -24.75 -5.63 13.91
C CYS A 352 -25.94 -5.21 14.73
N MSE A 353 -27.01 -6.03 14.71
CA MSE A 353 -28.25 -5.73 15.51
C MSE A 353 -27.96 -5.60 16.99
O MSE A 353 -28.53 -4.74 17.68
CB MSE A 353 -29.29 -6.83 15.35
CG MSE A 353 -29.81 -7.07 13.92
SE MSE A 353 -31.02 -5.59 13.49
CE MSE A 353 -32.46 -6.01 14.76
N MSE A 354 -27.04 -6.40 17.51
CA MSE A 354 -26.78 -6.40 18.96
C MSE A 354 -25.85 -5.32 19.44
O MSE A 354 -25.43 -5.32 20.59
CB MSE A 354 -26.23 -7.80 19.35
CG MSE A 354 -27.29 -8.87 19.13
SE MSE A 354 -26.79 -10.64 19.80
CE MSE A 354 -25.07 -10.92 18.91
N ALA A 355 -25.51 -4.37 18.57
CA ALA A 355 -24.51 -3.35 18.85
C ALA A 355 -23.25 -4.01 19.40
N SER A 356 -22.84 -5.10 18.78
CA SER A 356 -21.63 -5.80 19.14
C SER A 356 -20.37 -5.15 18.50
N PRO A 357 -19.18 -5.29 19.13
CA PRO A 357 -17.96 -5.01 18.43
C PRO A 357 -17.93 -5.84 17.17
N LEU A 358 -17.42 -5.26 16.10
CA LEU A 358 -17.31 -5.96 14.82
C LEU A 358 -15.82 -6.14 14.59
N LEU A 359 -15.22 -7.03 15.36
CA LEU A 359 -13.80 -7.37 15.19
C LEU A 359 -13.63 -8.59 14.27
N CYS A 360 -13.22 -8.37 13.02
CA CYS A 360 -13.06 -9.51 12.12
C CYS A 360 -11.95 -10.40 12.57
N GLY A 361 -12.15 -11.69 12.30
CA GLY A 361 -11.19 -12.72 12.66
C GLY A 361 -10.60 -13.45 11.49
N ASN A 362 -11.06 -13.15 10.29
CA ASN A 362 -10.53 -13.74 9.07
C ASN A 362 -9.27 -13.03 8.61
N ASP A 363 -8.66 -13.54 7.57
CA ASP A 363 -7.54 -12.87 6.90
C ASP A 363 -8.08 -11.87 5.91
N VAL A 364 -8.12 -10.60 6.30
CA VAL A 364 -8.65 -9.55 5.46
C VAL A 364 -7.71 -9.18 4.28
N ARG A 365 -6.49 -9.72 4.23
CA ARG A 365 -5.61 -9.49 3.08
C ARG A 365 -6.14 -10.14 1.80
N GLN A 366 -7.02 -11.10 1.93
CA GLN A 366 -7.55 -11.78 0.77
C GLN A 366 -8.89 -12.35 1.09
N MSE A 367 -9.92 -11.88 0.39
CA MSE A 367 -11.29 -12.26 0.68
C MSE A 367 -12.03 -12.59 -0.56
O MSE A 367 -11.84 -11.97 -1.60
CB MSE A 367 -11.93 -11.03 1.34
CG MSE A 367 -11.67 -11.07 2.84
SE MSE A 367 -12.59 -9.60 3.76
CE MSE A 367 -11.55 -8.13 2.98
N ASN A 368 -12.94 -13.56 -0.49
CA ASN A 368 -13.79 -13.82 -1.64
C ASN A 368 -14.97 -12.85 -1.65
N ASP A 369 -15.64 -12.74 -2.79
CA ASP A 369 -16.74 -11.79 -2.96
C ASP A 369 -17.86 -12.02 -1.96
N SER A 370 -18.15 -13.29 -1.68
CA SER A 370 -19.20 -13.66 -0.73
C SER A 370 -18.87 -13.12 0.66
N THR A 371 -17.62 -13.20 1.08
CA THR A 371 -17.20 -12.59 2.36
C THR A 371 -17.28 -11.06 2.32
N LEU A 372 -16.76 -10.48 1.24
CA LEU A 372 -16.84 -9.03 1.04
C LEU A 372 -18.27 -8.51 1.04
N GLN A 373 -19.16 -9.30 0.46
CA GLN A 373 -20.56 -8.98 0.38
C GLN A 373 -21.16 -8.86 1.78
N ILE A 374 -20.61 -9.58 2.74
CA ILE A 374 -21.14 -9.53 4.10
C ILE A 374 -20.48 -8.38 4.87
N LEU A 375 -19.14 -8.40 4.93
CA LEU A 375 -18.40 -7.46 5.78
C LEU A 375 -18.42 -6.02 5.29
N LEU A 376 -18.74 -5.80 4.02
CA LEU A 376 -18.85 -4.46 3.49
C LEU A 376 -20.31 -4.03 3.33
N ASN A 377 -21.26 -4.63 4.06
CA ASN A 377 -22.64 -4.23 3.95
C ASN A 377 -22.81 -2.96 4.76
N LYS A 378 -22.81 -1.85 4.07
CA LYS A 378 -22.85 -0.51 4.66
C LYS A 378 -24.08 -0.29 5.54
N ASP A 379 -25.18 -0.95 5.17
CA ASP A 379 -26.46 -0.72 5.84
C ASP A 379 -26.53 -1.45 7.15
N LEU A 380 -26.03 -2.68 7.19
CA LEU A 380 -25.89 -3.41 8.45
C LEU A 380 -24.93 -2.71 9.42
N ILE A 381 -23.83 -2.23 8.88
CA ILE A 381 -22.86 -1.52 9.67
C ILE A 381 -23.49 -0.24 10.23
N ALA A 382 -24.27 0.44 9.41
CA ALA A 382 -24.99 1.64 9.81
C ALA A 382 -25.94 1.35 10.98
N ILE A 383 -26.56 0.18 10.98
CA ILE A 383 -27.37 -0.27 12.10
C ILE A 383 -26.48 -0.40 13.35
N ASN A 384 -25.40 -1.15 13.20
CA ASN A 384 -24.45 -1.32 14.29
C ASN A 384 -23.98 0.01 14.89
N GLN A 385 -23.73 1.01 14.04
CA GLN A 385 -23.14 2.30 14.47
C GLN A 385 -24.16 3.39 14.79
N ASP A 386 -25.43 2.98 14.88
CA ASP A 386 -26.48 3.94 15.15
C ASP A 386 -26.14 4.61 16.46
N PRO A 387 -26.17 5.96 16.53
CA PRO A 387 -25.74 6.68 17.75
C PRO A 387 -26.56 6.39 19.01
N LEU A 388 -27.77 5.92 18.87
CA LEU A 388 -28.52 5.48 20.07
C LEU A 388 -27.80 4.34 20.79
N GLY A 389 -27.11 3.49 20.07
CA GLY A 389 -26.36 2.41 20.75
C GLY A 389 -27.20 1.46 21.57
N ILE A 390 -28.40 1.17 21.10
CA ILE A 390 -29.25 0.19 21.72
C ILE A 390 -28.92 -1.21 21.19
N GLN A 391 -28.66 -2.14 22.08
CA GLN A 391 -28.54 -3.54 21.67
C GLN A 391 -29.94 -4.06 21.42
N ALA A 392 -30.12 -4.71 20.27
CA ALA A 392 -31.42 -5.19 19.90
C ALA A 392 -32.01 -6.13 20.93
N GLU A 393 -33.32 -6.01 21.11
CA GLU A 393 -34.05 -6.89 21.97
C GLU A 393 -34.40 -8.12 21.16
N ARG A 394 -34.27 -9.31 21.73
CA ARG A 394 -34.87 -10.46 21.11
C ARG A 394 -36.31 -10.48 21.58
N ALA A 395 -37.18 -9.85 20.77
CA ALA A 395 -38.58 -9.67 21.09
C ALA A 395 -39.36 -10.96 21.21
N ILE A 396 -39.05 -11.93 20.33
CA ILE A 396 -39.72 -13.18 20.24
C ILE A 396 -38.68 -14.27 20.00
N ARG A 397 -38.59 -15.24 20.91
CA ARG A 397 -37.77 -16.47 20.69
C ARG A 397 -38.73 -17.61 20.50
N ALA A 398 -39.04 -17.94 19.24
CA ALA A 398 -40.05 -18.94 18.96
C ALA A 398 -39.29 -20.24 18.95
N ASP A 399 -39.95 -21.34 18.62
CA ASP A 399 -39.21 -22.62 18.60
C ASP A 399 -38.18 -22.71 17.47
N HIS A 400 -38.48 -22.10 16.32
CA HIS A 400 -37.63 -22.21 15.14
C HIS A 400 -37.03 -20.90 14.66
N TYR A 401 -37.44 -19.77 15.22
CA TYR A 401 -36.98 -18.51 14.71
C TYR A 401 -37.00 -17.51 15.81
N ASP A 402 -36.33 -16.42 15.55
CA ASP A 402 -36.31 -15.26 16.39
C ASP A 402 -36.80 -14.06 15.63
N VAL A 403 -37.33 -13.09 16.36
CA VAL A 403 -37.52 -11.78 15.85
C VAL A 403 -36.79 -10.83 16.81
N TRP A 404 -35.84 -10.06 16.27
CA TRP A 404 -35.03 -9.12 17.05
C TRP A 404 -35.39 -7.70 16.61
N VAL A 405 -35.38 -6.75 17.55
CA VAL A 405 -35.75 -5.35 17.26
C VAL A 405 -34.81 -4.28 17.89
N LYS A 406 -34.34 -3.41 17.03
CA LYS A 406 -33.38 -2.37 17.38
C LYS A 406 -33.97 -1.01 17.00
N PRO A 407 -34.37 -0.22 18.00
CA PRO A 407 -34.81 1.13 17.64
C PRO A 407 -33.65 1.98 17.13
N LEU A 408 -33.88 2.78 16.08
CA LEU A 408 -32.82 3.60 15.44
C LEU A 408 -33.06 5.08 15.70
N SER A 409 -32.06 5.90 15.43
CA SER A 409 -32.05 7.28 15.91
C SER A 409 -33.01 8.21 15.15
N ASP A 410 -33.46 7.81 13.97
CA ASP A 410 -34.47 8.57 13.23
C ASP A 410 -35.86 8.09 13.53
N GLY A 411 -36.03 7.27 14.55
CA GLY A 411 -37.36 6.81 14.92
C GLY A 411 -37.77 5.53 14.20
N SER A 412 -37.08 5.12 13.17
CA SER A 412 -37.35 3.80 12.59
C SER A 412 -36.89 2.68 13.52
N LYS A 413 -37.24 1.45 13.14
CA LYS A 413 -36.77 0.26 13.81
C LYS A 413 -36.19 -0.72 12.82
N ALA A 414 -35.06 -1.33 13.18
CA ALA A 414 -34.54 -2.51 12.46
C ALA A 414 -35.14 -3.75 13.03
N ILE A 415 -35.54 -4.65 12.15
CA ILE A 415 -36.14 -5.90 12.52
C ILE A 415 -35.37 -7.00 11.88
N ALA A 416 -34.95 -7.98 12.68
CA ALA A 416 -34.27 -9.11 12.12
C ALA A 416 -35.09 -10.35 12.42
N CYS A 417 -35.35 -11.11 11.36
CA CYS A 417 -36.01 -12.38 11.44
C CYS A 417 -34.98 -13.44 11.15
N LEU A 418 -34.72 -14.31 12.11
CA LEU A 418 -33.67 -15.34 11.98
C LEU A 418 -34.23 -16.72 12.04
N ASN A 419 -33.75 -17.59 11.14
CA ASN A 419 -34.11 -18.99 11.14
C ASN A 419 -33.02 -19.73 11.85
N ARG A 420 -33.38 -20.37 12.94
CA ARG A 420 -32.38 -21.04 13.75
C ARG A 420 -32.25 -22.51 13.35
N ILE A 421 -33.17 -23.03 12.53
CA ILE A 421 -33.17 -24.49 12.24
C ILE A 421 -32.67 -24.79 10.82
N SER A 422 -32.56 -26.06 10.48
CA SER A 422 -31.97 -26.42 9.17
C SER A 422 -33.02 -26.72 8.08
N GLY A 423 -34.27 -26.33 8.32
CA GLY A 423 -35.30 -26.37 7.32
C GLY A 423 -35.87 -24.97 7.15
N PRO A 424 -36.65 -24.75 6.08
CA PRO A 424 -37.24 -23.44 5.80
C PRO A 424 -38.26 -23.09 6.86
N VAL A 425 -38.44 -21.79 7.11
CA VAL A 425 -39.39 -21.31 8.13
C VAL A 425 -40.18 -20.09 7.64
N ASP A 426 -41.45 -20.00 8.03
CA ASP A 426 -42.27 -18.82 7.81
C ASP A 426 -42.38 -17.99 9.11
N VAL A 427 -42.23 -16.67 8.98
CA VAL A 427 -42.35 -15.78 10.14
C VAL A 427 -43.33 -14.67 9.79
N GLU A 428 -44.48 -14.59 10.47
CA GLU A 428 -45.44 -13.57 10.12
C GLU A 428 -44.99 -12.27 10.74
N LEU A 429 -45.04 -11.20 9.95
CA LEU A 429 -44.66 -9.88 10.42
C LEU A 429 -45.85 -8.98 10.22
N ASN A 430 -46.27 -8.33 11.29
CA ASN A 430 -47.43 -7.46 11.26
C ASN A 430 -47.21 -6.40 12.32
N VAL A 431 -48.15 -5.47 12.48
CA VAL A 431 -47.89 -4.35 13.37
C VAL A 431 -47.99 -4.71 14.84
N LYS A 432 -48.40 -5.94 15.14
CA LYS A 432 -48.38 -6.45 16.53
C LYS A 432 -47.24 -7.46 16.81
N THR A 433 -46.32 -7.61 15.89
CA THR A 433 -45.21 -8.52 16.13
C THR A 433 -44.33 -8.01 17.28
N VAL A 434 -44.03 -6.70 17.27
CA VAL A 434 -43.31 -6.03 18.36
C VAL A 434 -43.93 -4.68 18.63
N GLU A 435 -43.72 -4.17 19.84
CA GLU A 435 -44.27 -2.88 20.24
C GLU A 435 -43.76 -1.75 19.31
N GLY A 436 -44.71 -0.99 18.81
CA GLY A 436 -44.43 0.25 18.11
C GLY A 436 -43.92 0.09 16.69
N LEU A 437 -44.24 -1.02 16.06
CA LEU A 437 -43.74 -1.31 14.74
C LEU A 437 -44.67 -0.69 13.70
N SER A 438 -44.10 0.01 12.74
CA SER A 438 -44.84 0.48 11.58
C SER A 438 -44.28 -0.20 10.36
N LEU A 439 -45.17 -0.60 9.46
CA LEU A 439 -44.74 -1.26 8.23
C LEU A 439 -45.15 -0.48 6.98
N ASP A 440 -45.33 0.82 7.08
CA ASP A 440 -45.70 1.57 5.89
C ASP A 440 -44.55 1.67 4.88
N ARG A 441 -43.32 1.73 5.37
CA ARG A 441 -42.16 1.81 4.55
C ARG A 441 -41.11 0.86 5.07
N VAL A 442 -40.73 -0.12 4.25
CA VAL A 442 -39.88 -1.20 4.72
C VAL A 442 -38.74 -1.38 3.74
N TYR A 443 -37.51 -1.33 4.25
CA TYR A 443 -36.32 -1.43 3.44
C TYR A 443 -35.59 -2.73 3.77
N ASP A 444 -35.31 -3.52 2.75
CA ASP A 444 -34.59 -4.79 2.92
C ASP A 444 -33.09 -4.50 2.83
N VAL A 445 -32.43 -4.64 3.96
CA VAL A 445 -31.03 -4.29 4.16
C VAL A 445 -30.05 -5.29 3.53
N ILE A 446 -30.48 -6.53 3.33
CA ILE A 446 -29.61 -7.54 2.72
C ILE A 446 -29.71 -7.43 1.21
N GLU A 447 -30.90 -7.15 0.70
CA GLU A 447 -31.09 -6.92 -0.73
C GLU A 447 -30.73 -5.52 -1.16
N GLY A 448 -30.66 -4.58 -0.22
CA GLY A 448 -30.60 -3.16 -0.57
C GLY A 448 -31.77 -2.69 -1.44
N SER A 449 -33.01 -2.89 -1.01
CA SER A 449 -34.17 -2.41 -1.76
C SER A 449 -35.43 -2.31 -0.93
N LEU A 450 -36.38 -1.52 -1.40
CA LEU A 450 -37.66 -1.38 -0.74
C LEU A 450 -38.45 -2.64 -0.89
N VAL A 451 -39.12 -3.02 0.19
CA VAL A 451 -40.02 -4.16 0.22
C VAL A 451 -41.37 -3.66 -0.28
N ALA A 452 -42.00 -4.41 -1.17
CA ALA A 452 -43.29 -4.00 -1.71
C ALA A 452 -44.44 -4.87 -1.21
N GLU A 453 -44.26 -5.46 -0.03
CA GLU A 453 -45.31 -6.23 0.64
C GLU A 453 -46.36 -5.33 1.31
N ALA A 454 -47.49 -5.90 1.70
CA ALA A 454 -48.55 -5.13 2.31
C ALA A 454 -48.11 -4.35 3.57
N SER A 455 -48.68 -3.16 3.72
CA SER A 455 -48.45 -2.35 4.91
C SER A 455 -49.12 -2.94 6.17
N THR A 456 -50.02 -3.90 5.98
CA THR A 456 -50.62 -4.65 7.08
C THR A 456 -49.82 -5.93 7.44
N GLY A 457 -48.72 -6.18 6.72
CA GLY A 457 -47.79 -7.24 7.09
C GLY A 457 -47.80 -8.38 6.10
N TRP A 458 -46.86 -9.30 6.25
CA TRP A 458 -46.69 -10.39 5.30
C TRP A 458 -45.94 -11.53 5.97
N VAL A 459 -45.81 -12.65 5.27
CA VAL A 459 -45.08 -13.81 5.78
C VAL A 459 -43.67 -13.73 5.24
N VAL A 460 -42.69 -13.67 6.13
CA VAL A 460 -41.30 -13.69 5.73
C VAL A 460 -40.92 -15.15 5.55
N LYS A 461 -40.32 -15.50 4.41
CA LYS A 461 -39.89 -16.87 4.18
C LYS A 461 -38.39 -16.93 4.32
N LEU A 462 -37.93 -17.81 5.22
CA LEU A 462 -36.53 -17.89 5.50
C LEU A 462 -36.03 -19.24 5.09
N ALA A 463 -34.94 -19.26 4.32
CA ALA A 463 -34.23 -20.50 4.07
C ALA A 463 -33.46 -20.91 5.34
N PRO A 464 -33.05 -22.16 5.42
CA PRO A 464 -32.24 -22.60 6.53
C PRO A 464 -31.12 -21.62 6.86
N GLY A 465 -31.02 -21.20 8.12
CA GLY A 465 -29.91 -20.39 8.56
C GLY A 465 -29.95 -18.95 8.12
N GLU A 466 -31.05 -18.55 7.45
CA GLU A 466 -31.12 -17.25 6.82
C GLU A 466 -31.63 -16.23 7.85
N CYS A 467 -31.10 -15.03 7.75
CA CYS A 467 -31.61 -13.92 8.49
C CYS A 467 -32.07 -12.91 7.46
N LYS A 468 -33.22 -12.29 7.66
CA LYS A 468 -33.60 -11.14 6.87
CA LYS A 468 -33.60 -11.14 6.88
C LYS A 468 -33.64 -9.95 7.82
N VAL A 469 -33.15 -8.80 7.35
CA VAL A 469 -33.11 -7.57 8.16
C VAL A 469 -33.85 -6.48 7.42
N PHE A 470 -34.83 -5.89 8.10
CA PHE A 470 -35.66 -4.88 7.51
C PHE A 470 -35.56 -3.64 8.34
N ILE A 471 -35.52 -2.48 7.70
CA ILE A 471 -35.72 -1.20 8.43
C ILE A 471 -37.13 -0.67 8.15
N CYS A 472 -37.86 -0.36 9.24
CA CYS A 472 -39.31 -0.24 9.22
C CYS A 472 -39.70 1.07 9.80
N LYS A 473 -40.44 1.85 9.05
CA LYS A 473 -41.02 3.08 9.60
C LYS A 473 -42.44 3.24 9.05
N SER B 2 -9.59 9.27 -14.88
CA SER B 2 -9.66 7.90 -14.29
C SER B 2 -9.27 6.85 -15.34
N GLU B 3 -9.80 7.04 -16.55
CA GLU B 3 -9.40 6.31 -17.75
C GLU B 3 -7.91 5.94 -17.74
N VAL B 4 -7.04 6.94 -17.56
CA VAL B 4 -5.58 6.71 -17.56
C VAL B 4 -5.15 5.50 -16.72
N ARG B 5 -5.82 5.33 -15.58
CA ARG B 5 -5.44 4.33 -14.59
C ARG B 5 -5.60 2.89 -15.05
N THR B 6 -6.58 2.65 -15.94
CA THR B 6 -6.98 1.30 -16.33
C THR B 6 -6.64 0.93 -17.78
N ALA B 7 -6.39 1.90 -18.66
CA ALA B 7 -6.27 1.64 -20.13
C ALA B 7 -5.22 0.57 -20.48
N ILE B 8 -4.14 0.53 -19.71
CA ILE B 8 -3.09 -0.49 -19.87
C ILE B 8 -3.60 -1.91 -19.66
N PHE B 9 -4.67 -2.04 -18.89
CA PHE B 9 -5.26 -3.34 -18.61
C PHE B 9 -6.58 -3.56 -19.31
N GLU B 10 -6.70 -3.06 -20.53
CA GLU B 10 -7.87 -3.28 -21.34
C GLU B 10 -7.41 -3.77 -22.69
N GLY B 11 -8.25 -4.53 -23.36
CA GLY B 11 -8.01 -4.91 -24.77
C GLY B 11 -7.22 -6.18 -24.98
N LYS B 12 -6.95 -6.46 -26.24
CA LYS B 12 -6.03 -7.51 -26.63
C LYS B 12 -4.68 -7.33 -25.94
N PRO B 13 -3.93 -8.42 -25.75
CA PRO B 13 -2.57 -8.27 -25.20
C PRO B 13 -1.67 -7.45 -26.12
N CYS B 14 -0.65 -6.82 -25.55
CA CYS B 14 0.38 -6.21 -26.36
C CYS B 14 1.71 -6.28 -25.60
N ILE B 15 2.64 -7.05 -26.16
CA ILE B 15 3.92 -7.34 -25.55
C ILE B 15 4.84 -6.12 -25.82
N ASN B 16 5.21 -5.43 -24.75
CA ASN B 16 5.88 -4.16 -24.87
C ASN B 16 7.39 -4.32 -24.79
N PRO B 17 8.12 -3.31 -25.30
CA PRO B 17 9.56 -3.23 -25.15
C PRO B 17 9.97 -3.30 -23.68
N PRO B 18 11.21 -3.73 -23.41
CA PRO B 18 12.27 -3.99 -24.36
C PRO B 18 12.11 -5.32 -25.07
N HIS B 19 12.45 -5.29 -26.35
CA HIS B 19 12.48 -6.50 -27.19
C HIS B 19 13.88 -7.09 -27.34
N VAL B 20 14.85 -6.50 -26.65
CA VAL B 20 16.18 -7.01 -26.60
C VAL B 20 16.71 -6.84 -25.18
N VAL B 21 17.31 -7.91 -24.66
CA VAL B 21 17.83 -7.91 -23.31
C VAL B 21 19.19 -8.64 -23.31
N GLY B 22 20.11 -8.16 -22.48
CA GLY B 22 21.43 -8.80 -22.36
C GLY B 22 21.67 -9.27 -20.96
N ASN B 23 22.45 -10.33 -20.80
CA ASN B 23 22.87 -10.81 -19.52
C ASN B 23 24.20 -11.48 -19.65
N TYR B 24 25.00 -11.54 -18.58
CA TYR B 24 26.26 -12.33 -18.65
C TYR B 24 25.99 -13.82 -18.63
N PRO B 25 26.87 -14.60 -19.30
CA PRO B 25 26.70 -16.02 -19.29
C PRO B 25 26.86 -16.61 -17.91
N ALA B 26 26.15 -17.71 -17.67
CA ALA B 26 26.24 -18.45 -16.41
C ALA B 26 25.81 -17.61 -15.17
N THR B 27 25.01 -16.58 -15.35
CA THR B 27 24.48 -15.79 -14.20
C THR B 27 22.97 -15.88 -14.14
N PRO B 28 22.36 -15.71 -12.91
CA PRO B 28 20.92 -15.66 -12.84
C PRO B 28 20.33 -14.69 -13.86
N PHE B 29 19.26 -15.15 -14.50
CA PHE B 29 18.50 -14.41 -15.49
C PHE B 29 17.10 -14.26 -14.99
N LEU B 30 16.59 -13.04 -15.05
CA LEU B 30 15.23 -12.75 -14.65
C LEU B 30 14.62 -11.70 -15.60
N PHE B 31 13.44 -11.99 -16.20
CA PHE B 31 12.75 -11.00 -17.02
C PHE B 31 11.25 -11.23 -17.02
N TYR B 32 10.53 -10.21 -16.56
CA TYR B 32 9.10 -10.18 -16.70
C TYR B 32 8.78 -9.52 -18.04
N ILE B 33 7.92 -10.18 -18.81
CA ILE B 33 7.48 -9.73 -20.13
C ILE B 33 6.43 -8.66 -20.00
N PRO B 34 6.82 -7.40 -20.27
CA PRO B 34 5.86 -6.33 -20.07
C PRO B 34 4.68 -6.39 -21.03
N THR B 35 3.50 -6.60 -20.52
CA THR B 35 2.36 -6.88 -21.37
C THR B 35 1.10 -6.08 -21.02
N SER B 36 0.68 -5.20 -21.94
CA SER B 36 -0.61 -4.52 -21.84
C SER B 36 -1.71 -5.51 -22.16
N GLY B 37 -2.88 -5.22 -21.65
CA GLY B 37 -4.10 -5.89 -22.01
C GLY B 37 -4.93 -6.33 -20.85
N GLU B 38 -6.17 -6.69 -21.13
CA GLU B 38 -7.07 -7.17 -20.09
C GLU B 38 -6.55 -8.45 -19.45
N ARG B 39 -6.72 -8.55 -18.15
CA ARG B 39 -6.36 -9.72 -17.39
C ARG B 39 -7.56 -10.64 -17.18
N PRO B 40 -7.33 -11.92 -16.95
CA PRO B 40 -6.01 -12.52 -16.88
C PRO B 40 -5.36 -12.75 -18.25
N ILE B 41 -4.03 -12.83 -18.25
CA ILE B 41 -3.18 -13.14 -19.39
C ILE B 41 -2.39 -14.45 -19.15
N LYS B 42 -2.14 -15.18 -20.22
CA LYS B 42 -1.26 -16.34 -20.21
C LYS B 42 -0.16 -16.17 -21.29
N TRP B 43 1.06 -16.56 -20.95
CA TRP B 43 2.17 -16.32 -21.81
C TRP B 43 2.70 -17.61 -22.35
N HIS B 44 3.33 -17.53 -23.52
CA HIS B 44 4.00 -18.70 -24.12
C HIS B 44 5.28 -18.24 -24.74
N ALA B 45 6.26 -19.14 -24.75
CA ALA B 45 7.54 -18.84 -25.35
C ALA B 45 7.97 -20.01 -26.22
N GLU B 46 8.39 -19.74 -27.44
CA GLU B 46 8.99 -20.75 -28.31
C GLU B 46 10.48 -20.43 -28.43
N ASN B 47 11.33 -21.47 -28.37
CA ASN B 47 12.78 -21.37 -28.57
C ASN B 47 13.50 -20.57 -27.48
N LEU B 48 13.06 -20.71 -26.24
CA LEU B 48 13.86 -20.24 -25.12
C LEU B 48 15.15 -21.01 -25.08
N PRO B 49 16.28 -20.32 -24.87
CA PRO B 49 17.55 -21.04 -24.76
C PRO B 49 17.60 -22.02 -23.58
N LYS B 50 18.40 -23.09 -23.74
CA LYS B 50 18.68 -24.01 -22.62
C LYS B 50 18.99 -23.24 -21.33
N GLY B 51 18.27 -23.58 -20.28
CA GLY B 51 18.45 -23.04 -18.94
C GLY B 51 17.41 -22.01 -18.51
N LEU B 52 16.57 -21.57 -19.44
CA LEU B 52 15.48 -20.62 -19.10
C LEU B 52 14.17 -21.36 -19.15
N LYS B 53 13.27 -20.94 -18.27
CA LYS B 53 11.92 -21.46 -18.22
CA LYS B 53 11.91 -21.48 -18.17
C LYS B 53 10.99 -20.27 -18.07
N LEU B 54 9.83 -20.33 -18.71
CA LEU B 54 8.83 -19.28 -18.58
C LEU B 54 7.73 -19.81 -17.67
N ASP B 55 7.32 -19.02 -16.67
CA ASP B 55 6.12 -19.30 -15.93
C ASP B 55 4.93 -18.67 -16.68
N LYS B 56 4.08 -19.52 -17.21
CA LYS B 56 3.02 -19.10 -18.14
C LYS B 56 1.94 -18.31 -17.45
N GLU B 57 1.85 -18.48 -16.14
CA GLU B 57 0.86 -17.76 -15.38
C GLU B 57 1.38 -16.41 -14.90
N THR B 58 2.69 -16.22 -14.77
CA THR B 58 3.19 -14.95 -14.26
C THR B 58 3.92 -14.13 -15.29
N GLY B 59 4.29 -14.71 -16.42
CA GLY B 59 5.01 -13.95 -17.47
C GLY B 59 6.49 -13.75 -17.20
N ILE B 60 7.01 -14.50 -16.23
CA ILE B 60 8.39 -14.34 -15.81
C ILE B 60 9.25 -15.43 -16.39
N ILE B 61 10.33 -15.01 -17.08
CA ILE B 61 11.38 -15.91 -17.58
C ILE B 61 12.50 -15.89 -16.55
N LYS B 62 12.93 -17.08 -16.15
CA LYS B 62 13.90 -17.26 -15.08
C LYS B 62 14.86 -18.39 -15.44
N GLY B 63 16.09 -18.24 -15.01
CA GLY B 63 17.04 -19.33 -15.03
C GLY B 63 18.45 -18.81 -15.19
N LYS B 64 19.20 -19.47 -16.07
CA LYS B 64 20.55 -19.15 -16.32
C LYS B 64 20.95 -19.75 -17.66
N VAL B 65 21.54 -18.95 -18.55
CA VAL B 65 22.06 -19.48 -19.82
C VAL B 65 23.57 -19.46 -19.74
N VAL B 66 24.15 -20.62 -19.94
CA VAL B 66 25.59 -20.78 -19.77
C VAL B 66 26.34 -20.40 -21.04
N GLU B 67 25.78 -20.66 -22.21
CA GLU B 67 26.52 -20.50 -23.47
C GLU B 67 26.30 -19.14 -24.07
N LYS B 68 27.42 -18.48 -24.37
CA LYS B 68 27.40 -17.15 -24.94
CA LYS B 68 27.45 -17.17 -24.99
C LYS B 68 26.67 -17.22 -26.27
N GLY B 69 25.94 -16.17 -26.60
CA GLY B 69 25.15 -16.22 -27.83
C GLY B 69 23.99 -15.27 -27.93
N THR B 70 23.46 -15.15 -29.15
CA THR B 70 22.23 -14.43 -29.41
C THR B 70 21.09 -15.42 -29.78
N TYR B 71 20.00 -15.31 -29.03
CA TYR B 71 18.83 -16.21 -29.07
C TYR B 71 17.55 -15.43 -29.33
N LYS B 72 16.80 -15.88 -30.32
CA LYS B 72 15.59 -15.21 -30.77
C LYS B 72 14.40 -16.07 -30.29
N VAL B 73 13.67 -15.54 -29.31
CA VAL B 73 12.58 -16.22 -28.64
C VAL B 73 11.29 -15.61 -29.13
N MSE B 74 10.31 -16.45 -29.40
CA MSE B 74 9.01 -15.91 -29.86
C MSE B 74 8.12 -16.00 -28.67
O MSE B 74 7.90 -17.06 -28.12
CB MSE B 74 8.45 -16.63 -31.06
CG MSE B 74 9.32 -16.39 -32.28
SE MSE B 74 9.35 -14.52 -32.93
CE MSE B 74 7.47 -14.04 -32.52
N LEU B 75 7.58 -14.85 -28.28
CA LEU B 75 6.65 -14.78 -27.17
C LEU B 75 5.24 -14.59 -27.67
N LYS B 76 4.31 -15.22 -26.96
CA LYS B 76 2.91 -15.00 -27.22
C LYS B 76 2.22 -14.71 -25.90
N ALA B 77 1.35 -13.72 -25.90
CA ALA B 77 0.49 -13.46 -24.76
C ALA B 77 -0.96 -13.56 -25.20
N GLU B 78 -1.80 -14.16 -24.38
CA GLU B 78 -3.19 -14.31 -24.75
C GLU B 78 -4.13 -13.92 -23.59
N ASN B 79 -5.27 -13.37 -23.97
CA ASN B 79 -6.38 -13.20 -23.02
C ASN B 79 -7.69 -13.52 -23.70
N ALA B 80 -8.82 -13.26 -23.03
CA ALA B 80 -10.10 -13.57 -23.61
C ALA B 80 -10.38 -12.78 -24.89
N LEU B 81 -9.66 -11.68 -25.13
CA LEU B 81 -9.98 -10.83 -26.26
C LEU B 81 -9.10 -11.13 -27.47
N GLY B 82 -7.95 -11.79 -27.26
CA GLY B 82 -7.07 -12.16 -28.35
C GLY B 82 -5.65 -12.44 -27.93
N THR B 83 -4.73 -12.32 -28.89
CA THR B 83 -3.32 -12.64 -28.69
C THR B 83 -2.38 -11.58 -29.32
N ASP B 84 -1.15 -11.50 -28.82
CA ASP B 84 -0.08 -10.78 -29.45
C ASP B 84 1.16 -11.71 -29.50
N THR B 85 1.93 -11.57 -30.55
CA THR B 85 3.13 -12.37 -30.75
C THR B 85 4.25 -11.40 -31.01
N GLN B 86 5.41 -11.65 -30.43
CA GLN B 86 6.48 -10.70 -30.49
C GLN B 86 7.81 -11.37 -30.22
N GLU B 87 8.88 -10.82 -30.76
CA GLU B 87 10.20 -11.40 -30.60
C GLU B 87 10.90 -10.82 -29.37
N LEU B 88 11.63 -11.69 -28.67
CA LEU B 88 12.56 -11.28 -27.64
C LEU B 88 13.94 -11.77 -28.05
N LEU B 89 14.84 -10.82 -28.29
CA LEU B 89 16.26 -11.10 -28.51
C LEU B 89 16.99 -11.17 -27.19
N ILE B 90 17.60 -12.32 -26.89
CA ILE B 90 18.35 -12.51 -25.66
C ILE B 90 19.80 -12.63 -26.02
N ASN B 91 20.54 -11.59 -25.69
CA ASN B 91 21.98 -11.60 -25.92
C ASN B 91 22.71 -11.96 -24.64
N ILE B 92 23.28 -13.18 -24.64
CA ILE B 92 24.04 -13.69 -23.52
C ILE B 92 25.47 -13.43 -23.90
N GLY B 93 26.09 -12.48 -23.21
CA GLY B 93 27.35 -11.89 -23.67
C GLY B 93 28.09 -11.02 -22.63
N ASP B 94 28.93 -10.13 -23.12
CA ASP B 94 29.70 -9.23 -22.27
C ASP B 94 28.94 -7.97 -21.90
N GLU B 95 27.67 -7.85 -22.31
CA GLU B 95 26.92 -6.58 -22.17
C GLU B 95 25.67 -6.65 -21.27
N LEU B 96 25.43 -5.59 -20.47
CA LEU B 96 24.16 -5.43 -19.81
C LEU B 96 23.48 -4.10 -20.28
N LEU B 97 22.17 -3.99 -20.06
CA LEU B 97 21.40 -2.82 -20.43
C LEU B 97 21.49 -2.47 -21.95
N LEU B 98 21.08 -3.41 -22.79
CA LEU B 98 21.02 -3.20 -24.22
C LEU B 98 19.87 -2.23 -24.61
N THR B 99 19.02 -1.91 -23.66
CA THR B 99 18.19 -0.69 -23.66
C THR B 99 18.37 0.02 -22.32
N PRO B 100 17.97 1.30 -22.22
CA PRO B 100 18.17 1.99 -20.95
C PRO B 100 17.37 1.38 -19.78
N PRO B 101 17.95 1.40 -18.57
CA PRO B 101 17.29 0.84 -17.41
C PRO B 101 16.11 1.70 -17.03
N MSE B 102 15.02 1.08 -16.66
CA MSE B 102 13.81 1.81 -16.24
C MSE B 102 13.45 1.31 -14.90
O MSE B 102 13.64 0.12 -14.58
CB MSE B 102 12.64 1.52 -17.17
CG MSE B 102 12.94 1.87 -18.63
SE MSE B 102 11.48 1.31 -19.82
CE MSE B 102 10.14 2.38 -18.86
N GLY B 103 12.91 2.16 -14.05
CA GLY B 103 12.64 1.72 -12.71
C GLY B 103 12.32 2.88 -11.78
N TRP B 104 12.86 2.81 -10.55
CA TRP B 104 12.50 3.73 -9.44
C TRP B 104 13.67 3.76 -8.48
N ASN B 105 13.90 4.90 -7.87
CA ASN B 105 14.98 5.05 -6.93
C ASN B 105 14.44 5.83 -5.71
N SER B 106 14.84 5.39 -4.53
CA SER B 106 14.30 5.91 -3.27
C SER B 106 14.72 7.33 -2.89
N TRP B 107 15.71 7.91 -3.57
CA TRP B 107 16.34 9.14 -3.09
C TRP B 107 15.48 10.39 -3.18
N ASN B 108 14.96 10.68 -4.38
CA ASN B 108 14.37 12.02 -4.68
C ASN B 108 13.11 12.39 -3.90
N THR B 109 12.39 11.40 -3.40
CA THR B 109 11.25 11.62 -2.54
C THR B 109 11.55 11.29 -1.06
N PHE B 110 12.26 10.21 -0.81
CA PHE B 110 12.31 9.63 0.54
C PHE B 110 13.61 9.94 1.28
N GLY B 111 14.69 10.18 0.58
CA GLY B 111 15.95 10.49 1.22
C GLY B 111 16.35 9.37 2.15
N ARG B 112 16.63 9.72 3.40
CA ARG B 112 16.98 8.70 4.40
C ARG B 112 15.80 7.92 4.98
N HIS B 113 14.55 8.25 4.61
CA HIS B 113 13.34 7.58 5.14
C HIS B 113 12.94 6.30 4.32
N LEU B 114 13.94 5.51 4.01
CA LEU B 114 13.82 4.16 3.46
C LEU B 114 13.26 3.18 4.46
N THR B 115 12.41 2.27 4.01
CA THR B 115 12.02 1.12 4.83
C THR B 115 11.80 -0.07 3.92
N GLU B 116 11.83 -1.24 4.53
CA GLU B 116 11.47 -2.47 3.88
C GLU B 116 10.05 -2.38 3.25
N GLU B 117 9.11 -1.87 3.99
CA GLU B 117 7.75 -1.86 3.50
C GLU B 117 7.57 -0.88 2.34
N LEU B 118 8.33 0.21 2.32
CA LEU B 118 8.36 1.13 1.15
C LEU B 118 8.73 0.33 -0.12
N LEU B 119 9.77 -0.45 0.02
CA LEU B 119 10.28 -1.19 -1.14
C LEU B 119 9.26 -2.18 -1.62
N LEU B 120 8.71 -3.03 -0.72
CA LEU B 120 7.72 -4.04 -1.14
C LEU B 120 6.47 -3.38 -1.71
N GLN B 121 5.97 -2.34 -1.05
CA GLN B 121 4.80 -1.63 -1.52
C GLN B 121 5.02 -0.98 -2.89
N THR B 122 6.24 -0.54 -3.17
CA THR B 122 6.56 0.09 -4.42
C THR B 122 6.48 -0.99 -5.50
N ALA B 123 7.02 -2.15 -5.21
CA ALA B 123 6.93 -3.29 -6.12
C ALA B 123 5.44 -3.66 -6.45
N ASP B 124 4.60 -3.77 -5.42
CA ASP B 124 3.16 -4.04 -5.58
C ASP B 124 2.47 -2.95 -6.41
N ALA B 125 2.84 -1.71 -6.19
CA ALA B 125 2.20 -0.64 -6.92
C ALA B 125 2.53 -0.77 -8.41
N MSE B 126 3.78 -1.06 -8.72
CA MSE B 126 4.25 -1.12 -10.06
C MSE B 126 3.64 -2.34 -10.78
O MSE B 126 3.36 -2.29 -11.98
CB MSE B 126 5.77 -1.18 -10.04
CG MSE B 126 6.37 0.23 -9.92
SE MSE B 126 8.28 0.23 -9.38
CE MSE B 126 9.00 -0.66 -10.95
N VAL B 127 3.40 -3.42 -10.05
CA VAL B 127 2.66 -4.57 -10.57
C VAL B 127 1.28 -4.15 -11.00
N GLU B 128 0.62 -3.33 -10.17
CA GLU B 128 -0.79 -3.07 -10.32
C GLU B 128 -1.10 -1.83 -11.12
N ASN B 129 -0.14 -0.91 -11.26
CA ASN B 129 -0.45 0.38 -11.80
C ASN B 129 -0.08 0.59 -13.26
N GLY B 130 0.44 -0.45 -13.94
CA GLY B 130 0.84 -0.30 -15.29
C GLY B 130 2.35 -0.21 -15.55
N MSE B 131 3.13 0.22 -14.56
CA MSE B 131 4.56 0.52 -14.81
C MSE B 131 5.34 -0.72 -15.14
O MSE B 131 6.14 -0.70 -16.07
CB MSE B 131 5.21 1.25 -13.63
CG MSE B 131 4.57 2.64 -13.48
SE MSE B 131 5.41 3.46 -11.94
CE MSE B 131 7.31 3.41 -12.38
N ARG B 132 5.11 -1.82 -14.41
CA ARG B 132 5.78 -3.08 -14.73
C ARG B 132 5.50 -3.52 -16.17
N ASP B 133 4.27 -3.27 -16.62
CA ASP B 133 3.88 -3.69 -17.98
C ASP B 133 4.35 -2.72 -19.09
N LEU B 134 5.01 -1.63 -18.68
CA LEU B 134 5.74 -0.76 -19.62
C LEU B 134 7.26 -0.88 -19.53
N GLY B 135 7.74 -1.79 -18.70
CA GLY B 135 9.16 -2.10 -18.68
C GLY B 135 9.93 -1.58 -17.50
N TYR B 136 9.26 -0.85 -16.62
CA TYR B 136 9.88 -0.43 -15.38
C TYR B 136 10.16 -1.68 -14.53
N ALA B 137 11.45 -1.88 -14.20
CA ALA B 137 11.90 -3.13 -13.57
C ALA B 137 12.86 -2.95 -12.39
N TYR B 138 13.69 -1.93 -12.42
CA TYR B 138 14.69 -1.73 -11.36
C TYR B 138 14.08 -1.01 -10.22
N ILE B 139 14.18 -1.58 -9.02
CA ILE B 139 13.74 -0.86 -7.79
C ILE B 139 14.98 -0.67 -6.95
N ASN B 140 15.45 0.57 -6.92
CA ASN B 140 16.77 0.89 -6.41
C ASN B 140 16.75 1.58 -5.06
N ILE B 141 17.47 0.96 -4.12
CA ILE B 141 17.80 1.51 -2.84
C ILE B 141 18.96 2.46 -3.02
N ASP B 142 18.78 3.69 -2.59
CA ASP B 142 19.84 4.66 -2.63
C ASP B 142 20.52 4.71 -1.24
N ASP B 143 21.01 5.89 -0.82
CA ASP B 143 21.83 6.02 0.39
C ASP B 143 21.00 5.77 1.65
N PHE B 144 21.69 5.37 2.72
CA PHE B 144 21.13 5.26 4.10
C PHE B 144 20.42 3.95 4.43
N TRP B 145 20.70 2.88 3.67
CA TRP B 145 20.24 1.53 4.02
C TRP B 145 21.17 0.84 5.04
N GLN B 146 22.38 1.38 5.15
CA GLN B 146 23.43 0.84 5.98
C GLN B 146 23.75 1.74 7.17
N LEU B 147 24.42 1.15 8.14
CA LEU B 147 24.80 1.89 9.35
C LEU B 147 26.05 2.69 9.10
N PRO B 148 26.31 3.69 9.95
CA PRO B 148 27.48 4.51 9.70
C PRO B 148 28.80 3.75 9.72
N GLU B 149 28.97 2.76 10.58
CA GLU B 149 30.29 2.16 10.73
C GLU B 149 30.30 0.75 10.18
N ARG B 150 31.38 0.41 9.51
CA ARG B 150 31.62 -0.98 9.12
C ARG B 150 31.56 -1.87 10.37
N GLY B 151 31.05 -3.08 10.22
CA GLY B 151 31.00 -4.03 11.34
C GLY B 151 32.39 -4.41 11.80
N ALA B 152 32.50 -4.84 13.03
CA ALA B 152 33.76 -5.26 13.59
C ALA B 152 34.27 -6.46 12.81
N ASP B 153 33.37 -7.25 12.23
CA ASP B 153 33.73 -8.39 11.39
C ASP B 153 34.15 -8.00 9.96
N GLY B 154 34.17 -6.69 9.67
CA GLY B 154 34.60 -6.22 8.34
C GLY B 154 33.47 -6.11 7.31
N HIS B 155 32.24 -6.43 7.70
CA HIS B 155 31.11 -6.38 6.78
C HIS B 155 30.32 -5.14 7.03
N ILE B 156 29.81 -4.61 5.94
CA ILE B 156 28.98 -3.43 5.96
C ILE B 156 27.71 -3.81 6.72
N GLN B 157 27.15 -2.94 7.53
CA GLN B 157 26.00 -3.34 8.36
C GLN B 157 24.67 -2.76 7.84
N ILE B 158 23.68 -3.65 7.66
CA ILE B 158 22.37 -3.25 7.21
C ILE B 158 21.74 -2.54 8.38
N ASP B 159 21.09 -1.43 8.12
CA ASP B 159 20.33 -0.74 9.15
C ASP B 159 18.99 -1.45 9.37
N LYS B 160 18.93 -2.20 10.46
CA LYS B 160 17.83 -3.07 10.71
C LYS B 160 16.65 -2.36 11.38
N THR B 161 16.79 -1.06 11.63
CA THR B 161 15.62 -0.22 11.93
C THR B 161 14.84 0.13 10.67
N LYS B 162 15.43 -0.12 9.50
CA LYS B 162 14.79 0.13 8.23
C LYS B 162 14.48 -1.16 7.46
N PHE B 163 15.44 -2.09 7.48
CA PHE B 163 15.35 -3.42 6.82
C PHE B 163 15.53 -4.49 7.89
N PRO B 164 14.51 -4.67 8.76
CA PRO B 164 14.62 -5.58 9.91
C PRO B 164 14.86 -7.03 9.51
N ARG B 165 14.45 -7.42 8.32
CA ARG B 165 14.60 -8.76 7.85
C ARG B 165 15.78 -8.86 6.93
N GLY B 166 16.55 -7.77 6.82
CA GLY B 166 17.66 -7.74 5.85
C GLY B 166 17.30 -7.42 4.40
N ILE B 167 18.33 -7.33 3.56
CA ILE B 167 18.18 -6.91 2.17
C ILE B 167 17.68 -8.05 1.28
N LYS B 168 18.20 -9.25 1.49
CA LYS B 168 17.79 -10.38 0.71
C LYS B 168 16.28 -10.66 0.74
N TYR B 169 15.66 -10.48 1.89
CA TYR B 169 14.21 -10.57 2.01
C TYR B 169 13.53 -9.72 0.95
N VAL B 170 13.99 -8.48 0.78
CA VAL B 170 13.45 -7.56 -0.20
C VAL B 170 13.79 -8.05 -1.61
N ALA B 171 15.04 -8.39 -1.83
CA ALA B 171 15.47 -8.87 -3.16
C ALA B 171 14.55 -10.03 -3.58
N ASP B 172 14.30 -10.94 -2.64
CA ASP B 172 13.49 -12.10 -2.95
C ASP B 172 12.09 -11.69 -3.38
N TYR B 173 11.52 -10.77 -2.65
CA TYR B 173 10.16 -10.34 -2.93
C TYR B 173 10.06 -9.71 -4.31
N LEU B 174 11.07 -8.92 -4.65
CA LEU B 174 11.16 -8.23 -5.91
C LEU B 174 11.32 -9.20 -7.06
N HIS B 175 12.21 -10.14 -6.90
CA HIS B 175 12.46 -11.08 -7.94
C HIS B 175 11.25 -11.94 -8.25
N GLU B 176 10.47 -12.25 -7.21
CA GLU B 176 9.26 -13.05 -7.39
C GLU B 176 8.35 -12.41 -8.43
N ARG B 177 8.44 -11.09 -8.56
CA ARG B 177 7.62 -10.32 -9.48
C ARG B 177 8.35 -9.78 -10.71
N GLY B 178 9.61 -10.13 -10.89
CA GLY B 178 10.35 -9.79 -12.11
C GLY B 178 11.11 -8.51 -11.96
N PHE B 179 11.15 -7.96 -10.75
CA PHE B 179 11.86 -6.73 -10.46
C PHE B 179 13.32 -6.99 -10.12
N LYS B 180 14.14 -5.99 -10.38
CA LYS B 180 15.56 -6.03 -10.06
C LYS B 180 15.78 -5.17 -8.86
N LEU B 181 16.74 -5.57 -8.00
CA LEU B 181 17.07 -4.79 -6.81
C LEU B 181 18.35 -4.00 -7.02
N GLY B 182 18.27 -2.69 -6.82
CA GLY B 182 19.46 -1.82 -6.83
C GLY B 182 19.85 -1.40 -5.41
N ILE B 183 21.16 -1.19 -5.19
CA ILE B 183 21.68 -0.77 -3.91
C ILE B 183 22.73 0.32 -4.15
N TYR B 184 23.33 0.86 -3.10
CA TYR B 184 24.15 2.05 -3.18
C TYR B 184 25.34 1.94 -2.24
N SER B 185 26.48 2.42 -2.72
CA SER B 185 27.62 2.59 -1.89
C SER B 185 28.41 3.76 -2.44
N ASP B 186 29.65 3.90 -1.98
CA ASP B 186 30.47 5.05 -2.29
C ASP B 186 31.90 4.63 -2.23
N ALA B 187 32.72 5.17 -3.14
CA ALA B 187 34.16 4.81 -3.25
C ALA B 187 35.04 5.57 -2.27
N ALA B 188 34.65 5.47 -1.00
CA ALA B 188 35.31 6.09 0.10
C ALA B 188 34.92 5.30 1.38
N ASP B 189 35.42 5.74 2.51
CA ASP B 189 35.00 5.20 3.79
C ASP B 189 33.54 5.61 4.11
N LYS B 190 33.09 6.77 3.63
CA LYS B 190 31.74 7.29 3.91
C LYS B 190 30.99 7.77 2.65
N THR B 191 29.70 7.45 2.60
CA THR B 191 28.84 7.90 1.54
C THR B 191 28.62 9.41 1.64
N CYS B 192 27.98 9.96 0.61
CA CYS B 192 27.54 11.38 0.62
C CYS B 192 26.78 11.70 1.86
N GLY B 193 25.95 10.77 2.32
CA GLY B 193 25.19 10.93 3.54
C GLY B 193 25.89 10.71 4.89
N GLY B 194 27.12 10.22 4.88
CA GLY B 194 27.86 9.95 6.10
C GLY B 194 27.72 8.54 6.67
N VAL B 195 27.20 7.61 5.90
CA VAL B 195 27.14 6.23 6.41
C VAL B 195 28.19 5.37 5.64
N CYS B 196 28.26 4.10 5.96
CA CYS B 196 29.43 3.30 5.55
C CYS B 196 29.55 3.16 4.05
N GLY B 197 30.77 3.37 3.54
CA GLY B 197 31.12 3.11 2.13
C GLY B 197 32.02 1.90 1.96
N SER B 198 32.53 1.74 0.75
CA SER B 198 33.16 0.49 0.29
C SER B 198 34.65 0.53 -0.04
N TYR B 199 35.29 1.69 0.02
CA TYR B 199 36.70 1.77 -0.40
C TYR B 199 37.58 0.83 0.40
N GLY B 200 38.35 0.00 -0.33
CA GLY B 200 39.22 -0.97 0.26
C GLY B 200 38.53 -2.28 0.61
N TYR B 201 37.21 -2.33 0.54
CA TYR B 201 36.44 -3.53 0.85
C TYR B 201 35.55 -3.91 -0.35
N GLU B 202 35.98 -3.58 -1.55
CA GLU B 202 35.12 -3.75 -2.73
C GLU B 202 34.74 -5.23 -2.95
N GLU B 203 35.67 -6.15 -2.72
CA GLU B 203 35.44 -7.56 -2.98
C GLU B 203 34.49 -8.11 -1.96
N ILE B 204 34.70 -7.74 -0.72
CA ILE B 204 33.84 -8.12 0.39
C ILE B 204 32.41 -7.62 0.22
N ASP B 205 32.28 -6.36 -0.11
CA ASP B 205 30.96 -5.78 -0.27
C ASP B 205 30.25 -6.35 -1.51
N ALA B 206 30.97 -6.52 -2.61
CA ALA B 206 30.38 -7.08 -3.82
C ALA B 206 29.89 -8.50 -3.59
N ARG B 207 30.65 -9.27 -2.82
CA ARG B 207 30.21 -10.64 -2.50
C ARG B 207 28.94 -10.62 -1.64
N ASP B 208 28.88 -9.74 -0.66
CA ASP B 208 27.70 -9.60 0.14
C ASP B 208 26.52 -9.23 -0.74
N PHE B 209 26.71 -8.21 -1.59
CA PHE B 209 25.65 -7.75 -2.50
C PHE B 209 25.10 -8.89 -3.33
N ALA B 210 26.00 -9.64 -3.94
CA ALA B 210 25.61 -10.77 -4.74
C ALA B 210 24.82 -11.79 -3.95
N SER B 211 25.27 -12.09 -2.72
CA SER B 211 24.58 -13.08 -1.89
CA SER B 211 24.59 -13.08 -1.89
C SER B 211 23.16 -12.64 -1.51
N TRP B 212 22.96 -11.32 -1.37
CA TRP B 212 21.64 -10.79 -1.09
C TRP B 212 20.76 -10.74 -2.35
N GLY B 213 21.32 -11.00 -3.54
CA GLY B 213 20.53 -10.95 -4.77
C GLY B 213 20.43 -9.58 -5.42
N VAL B 214 21.35 -8.68 -5.08
CA VAL B 214 21.47 -7.38 -5.70
C VAL B 214 21.75 -7.46 -7.21
N ASP B 215 21.07 -6.59 -7.95
CA ASP B 215 21.19 -6.58 -9.41
C ASP B 215 21.82 -5.32 -9.98
N LEU B 216 21.93 -4.29 -9.14
CA LEU B 216 22.47 -3.03 -9.58
C LEU B 216 23.15 -2.33 -8.40
N LEU B 217 24.31 -1.76 -8.68
CA LEU B 217 25.01 -0.89 -7.73
C LEU B 217 25.26 0.48 -8.30
N LYS B 218 24.76 1.49 -7.59
CA LYS B 218 25.10 2.83 -7.82
C LYS B 218 26.29 3.13 -6.91
N TYR B 219 27.35 3.67 -7.48
CA TYR B 219 28.60 3.86 -6.75
C TYR B 219 28.99 5.37 -6.75
N ASP B 220 28.78 6.00 -5.60
CA ASP B 220 28.97 7.43 -5.47
C ASP B 220 30.44 7.76 -5.18
N TYR B 221 30.76 9.04 -5.22
CA TYR B 221 32.16 9.50 -5.15
C TYR B 221 32.39 10.58 -4.07
N CYS B 222 31.47 10.74 -3.13
CA CYS B 222 31.73 11.63 -2.01
C CYS B 222 32.91 11.18 -1.24
N ASN B 223 33.60 12.16 -0.66
CA ASN B 223 34.74 11.93 0.25
C ASN B 223 35.92 11.25 -0.39
N ALA B 224 35.91 11.11 -1.72
CA ALA B 224 37.06 10.60 -2.46
C ALA B 224 37.86 11.72 -3.07
N PRO B 225 39.18 11.51 -3.24
CA PRO B 225 40.03 12.54 -3.86
C PRO B 225 39.63 12.85 -5.31
N ALA B 226 39.65 14.11 -5.66
CA ALA B 226 39.20 14.59 -6.98
C ALA B 226 39.95 14.02 -8.21
N GLY B 227 41.21 13.68 -8.04
CA GLY B 227 42.03 13.21 -9.17
C GLY B 227 41.31 12.23 -10.08
N ARG B 228 41.48 12.45 -11.37
CA ARG B 228 40.83 11.65 -12.41
C ARG B 228 41.36 10.20 -12.45
N VAL B 229 42.68 10.06 -12.36
CA VAL B 229 43.29 8.72 -12.31
C VAL B 229 42.88 8.00 -11.03
N GLU B 230 42.83 8.71 -9.92
CA GLU B 230 42.36 8.15 -8.65
C GLU B 230 40.91 7.67 -8.76
N ALA B 231 40.05 8.49 -9.37
CA ALA B 231 38.67 8.07 -9.60
C ALA B 231 38.58 6.81 -10.49
N MSE B 232 39.30 6.82 -11.59
CA MSE B 232 39.28 5.71 -12.54
CA MSE B 232 39.27 5.70 -12.53
C MSE B 232 39.67 4.43 -11.85
O MSE B 232 39.02 3.39 -12.07
CB MSE B 232 40.18 6.00 -13.74
CB MSE B 232 40.17 6.05 -13.71
CG MSE B 232 39.48 6.93 -14.73
CG MSE B 232 39.34 6.93 -14.62
SE MSE B 232 40.78 7.60 -16.07
SE MSE B 232 40.20 6.94 -16.38
CE MSE B 232 41.09 5.89 -17.05
CE MSE B 232 41.93 7.60 -15.74
N GLU B 233 40.71 4.47 -11.03
CA GLU B 233 41.22 3.29 -10.31
C GLU B 233 40.24 2.79 -9.30
N ARG B 234 39.60 3.70 -8.60
CA ARG B 234 38.62 3.29 -7.61
C ARG B 234 37.35 2.68 -8.23
N TYR B 235 36.89 3.22 -9.35
CA TYR B 235 35.76 2.67 -10.06
C TYR B 235 36.17 1.28 -10.65
N GLU B 236 37.37 1.18 -11.15
CA GLU B 236 37.87 -0.12 -11.72
C GLU B 236 37.93 -1.22 -10.65
N LYS B 237 38.35 -0.88 -9.43
CA LYS B 237 38.36 -1.83 -8.31
C LYS B 237 36.95 -2.44 -8.10
N MSE B 238 35.95 -1.59 -8.00
CA MSE B 238 34.59 -2.07 -7.76
C MSE B 238 34.00 -2.76 -8.95
O MSE B 238 33.23 -3.72 -8.79
CB MSE B 238 33.72 -0.88 -7.36
CG MSE B 238 32.29 -1.33 -7.06
SE MSE B 238 32.11 -2.75 -5.74
CE MSE B 238 31.72 -1.73 -4.13
N GLY B 239 34.33 -2.30 -10.16
CA GLY B 239 33.82 -2.91 -11.38
C GLY B 239 34.30 -4.34 -11.48
N ARG B 240 35.58 -4.53 -11.20
CA ARG B 240 36.17 -5.89 -11.19
C ARG B 240 35.60 -6.75 -10.08
N ALA B 241 35.46 -6.18 -8.88
CA ALA B 241 34.80 -6.91 -7.79
C ALA B 241 33.39 -7.38 -8.16
N LEU B 242 32.59 -6.50 -8.76
CA LEU B 242 31.23 -6.87 -9.20
C LEU B 242 31.26 -8.04 -10.21
N ARG B 243 32.13 -7.93 -11.20
CA ARG B 243 32.29 -8.99 -12.22
C ARG B 243 32.87 -10.30 -11.67
N ALA B 244 33.55 -10.27 -10.52
CA ALA B 244 34.02 -11.53 -9.93
C ALA B 244 32.91 -12.23 -9.16
N THR B 245 31.79 -11.55 -8.89
CA THR B 245 30.68 -12.28 -8.26
C THR B 245 30.02 -13.25 -9.25
N ASP B 246 29.06 -14.03 -8.77
CA ASP B 246 28.30 -14.97 -9.61
C ASP B 246 27.03 -14.38 -10.28
N ARG B 247 26.91 -13.06 -10.29
CA ARG B 247 25.73 -12.38 -10.84
C ARG B 247 26.06 -11.33 -11.90
N SER B 248 25.06 -11.02 -12.73
CA SER B 248 25.12 -9.90 -13.64
C SER B 248 24.66 -8.67 -12.85
N ILE B 249 25.61 -7.88 -12.33
CA ILE B 249 25.27 -6.67 -11.56
C ILE B 249 25.57 -5.42 -12.37
N VAL B 250 24.54 -4.59 -12.55
CA VAL B 250 24.69 -3.32 -13.24
C VAL B 250 25.55 -2.39 -12.41
N PHE B 251 26.46 -1.70 -13.07
CA PHE B 251 27.39 -0.80 -12.41
C PHE B 251 27.05 0.62 -12.83
N SER B 252 26.45 1.36 -11.91
CA SER B 252 26.04 2.76 -12.15
C SER B 252 27.06 3.62 -11.48
N ILE B 253 27.80 4.36 -12.31
CA ILE B 253 28.91 5.18 -11.86
C ILE B 253 28.31 6.58 -11.54
N CYS B 254 28.72 7.12 -10.42
CA CYS B 254 28.12 8.39 -9.90
C CYS B 254 29.22 9.28 -9.31
N GLU B 255 29.90 9.99 -10.21
CA GLU B 255 30.90 11.00 -9.80
C GLU B 255 30.56 12.36 -10.43
N TRP B 256 29.27 12.53 -10.73
CA TRP B 256 28.66 13.86 -11.10
C TRP B 256 29.22 14.46 -12.40
N GLY B 257 29.80 13.61 -13.24
CA GLY B 257 30.30 14.07 -14.51
C GLY B 257 31.60 14.89 -14.45
N GLN B 258 32.17 15.08 -13.27
CA GLN B 258 33.35 15.96 -13.12
C GLN B 258 34.59 15.50 -13.85
N ARG B 259 34.77 14.20 -14.01
CA ARG B 259 35.98 13.67 -14.65
C ARG B 259 35.69 13.08 -16.04
N GLU B 260 34.68 13.62 -16.72
CA GLU B 260 34.27 13.15 -18.03
C GLU B 260 34.09 11.62 -18.12
N PRO B 261 33.21 11.05 -17.27
CA PRO B 261 33.07 9.62 -17.15
C PRO B 261 32.61 8.96 -18.45
N TRP B 262 31.96 9.70 -19.32
CA TRP B 262 31.59 9.18 -20.62
C TRP B 262 32.80 8.64 -21.42
N LYS B 263 33.98 9.19 -21.19
CA LYS B 263 35.17 8.70 -21.87
C LYS B 263 35.77 7.45 -21.27
N TRP B 264 35.60 7.19 -19.99
CA TRP B 264 36.30 6.02 -19.37
C TRP B 264 35.40 5.05 -18.61
N ALA B 265 34.12 5.36 -18.45
CA ALA B 265 33.26 4.52 -17.61
C ALA B 265 33.11 3.09 -18.16
N LYS B 266 32.94 2.96 -19.46
CA LYS B 266 32.80 1.64 -20.06
CA LYS B 266 32.81 1.64 -20.08
C LYS B 266 34.08 0.85 -19.80
N LYS B 267 35.21 1.53 -19.88
CA LYS B 267 36.48 0.84 -19.69
C LYS B 267 36.64 0.22 -18.30
N VAL B 268 36.03 0.81 -17.26
CA VAL B 268 36.15 0.26 -15.91
C VAL B 268 34.93 -0.59 -15.54
N GLY B 269 34.13 -0.94 -16.54
CA GLY B 269 32.99 -1.86 -16.38
C GLY B 269 31.65 -1.20 -16.05
N GLY B 270 31.54 0.11 -16.21
CA GLY B 270 30.24 0.81 -15.96
C GLY B 270 29.27 0.64 -17.13
N HIS B 271 27.98 0.56 -16.80
CA HIS B 271 26.90 0.47 -17.77
C HIS B 271 26.12 1.77 -17.87
N LEU B 272 26.30 2.65 -16.90
CA LEU B 272 25.72 4.00 -16.95
C LEU B 272 26.52 4.91 -16.05
N TRP B 273 26.54 6.20 -16.39
CA TRP B 273 27.41 7.13 -15.70
C TRP B 273 26.78 8.49 -15.61
N ARG B 274 26.73 9.02 -14.40
CA ARG B 274 26.14 10.33 -14.19
C ARG B 274 26.96 11.39 -14.92
N VAL B 275 26.30 12.26 -15.66
CA VAL B 275 26.98 13.35 -16.40
C VAL B 275 26.93 14.70 -15.71
N SER B 276 26.16 14.82 -14.66
CA SER B 276 25.94 16.11 -14.00
C SER B 276 25.87 15.96 -12.51
N GLY B 277 25.83 17.07 -11.80
CA GLY B 277 25.50 17.06 -10.39
C GLY B 277 24.04 16.72 -10.17
N ASP B 278 23.66 16.60 -8.91
CA ASP B 278 22.33 16.09 -8.62
C ASP B 278 21.19 16.98 -9.17
N ILE B 279 20.19 16.32 -9.73
CA ILE B 279 18.98 16.97 -10.25
C ILE B 279 18.13 17.54 -9.12
N GLY B 280 17.52 18.67 -9.39
CA GLY B 280 16.51 19.24 -8.53
C GLY B 280 15.11 19.16 -9.17
N ASP B 281 14.09 19.35 -8.36
CA ASP B 281 12.71 19.45 -8.82
C ASP B 281 12.46 20.90 -9.19
N LEU B 282 13.11 21.29 -10.29
CA LEU B 282 13.01 22.68 -10.79
C LEU B 282 13.42 22.67 -12.25
N TRP B 283 12.92 23.63 -13.02
CA TRP B 283 13.14 23.74 -14.47
C TRP B 283 14.55 24.19 -14.87
N ASN B 284 15.08 25.15 -14.15
CA ASN B 284 16.30 25.85 -14.54
C ASN B 284 16.92 26.63 -13.37
N ARG B 285 18.12 26.28 -12.92
CA ARG B 285 18.77 26.97 -11.81
C ARG B 285 19.48 28.20 -12.31
N GLY B 292 20.12 18.71 -5.31
CA GLY B 292 18.83 19.34 -5.47
C GLY B 292 19.13 20.62 -6.15
N LEU B 293 20.28 20.66 -6.83
CA LEU B 293 20.84 21.91 -7.30
C LEU B 293 20.62 22.09 -8.82
N ARG B 294 20.84 21.08 -9.67
CA ARG B 294 20.69 21.32 -11.14
C ARG B 294 19.23 21.27 -11.63
N GLY B 295 18.84 22.25 -12.43
CA GLY B 295 17.53 22.23 -13.07
C GLY B 295 17.52 21.31 -14.28
N ILE B 296 16.31 20.96 -14.72
CA ILE B 296 16.13 20.11 -15.91
C ILE B 296 16.86 20.68 -17.13
N LEU B 297 16.72 21.97 -17.39
CA LEU B 297 17.36 22.60 -18.58
C LEU B 297 18.87 22.63 -18.47
N ASN B 298 19.40 22.80 -17.25
CA ASN B 298 20.85 22.81 -17.06
C ASN B 298 21.43 21.45 -17.42
N ILE B 299 20.72 20.40 -17.05
CA ILE B 299 21.18 19.02 -17.35
C ILE B 299 21.11 18.73 -18.85
N LEU B 300 20.08 19.20 -19.54
CA LEU B 300 20.06 19.07 -21.02
C LEU B 300 21.31 19.67 -21.67
N GLU B 301 21.71 20.87 -21.20
CA GLU B 301 22.90 21.56 -21.73
C GLU B 301 24.10 20.67 -21.61
N ILE B 302 24.26 20.02 -20.46
CA ILE B 302 25.42 19.15 -20.25
C ILE B 302 25.36 17.92 -21.13
N ASN B 303 24.18 17.35 -21.27
CA ASN B 303 24.07 16.05 -21.91
C ASN B 303 24.05 16.12 -23.43
N ALA B 304 23.56 17.24 -23.97
CA ALA B 304 23.44 17.45 -25.41
C ALA B 304 24.67 17.02 -26.25
N PRO B 305 25.86 17.55 -25.94
CA PRO B 305 27.05 17.14 -26.71
C PRO B 305 27.62 15.74 -26.42
N LEU B 306 26.99 14.93 -25.56
CA LEU B 306 27.54 13.62 -25.20
C LEU B 306 26.94 12.43 -25.96
N SER B 307 26.14 12.70 -27.01
CA SER B 307 25.36 11.64 -27.65
C SER B 307 26.24 10.54 -28.28
N GLU B 308 27.45 10.88 -28.70
CA GLU B 308 28.34 9.90 -29.32
C GLU B 308 28.87 8.87 -28.34
N TYR B 309 28.69 9.10 -27.03
CA TYR B 309 29.24 8.19 -25.99
C TYR B 309 28.25 7.15 -25.55
N ALA B 310 27.00 7.28 -25.97
CA ALA B 310 25.95 6.34 -25.58
C ALA B 310 25.70 5.35 -26.71
N ARG B 311 25.39 4.13 -26.29
CA ARG B 311 25.00 3.07 -27.19
C ARG B 311 24.49 1.88 -26.36
N PRO B 312 23.95 0.86 -27.02
CA PRO B 312 23.47 -0.27 -26.21
C PRO B 312 24.58 -0.72 -25.25
N GLY B 313 24.25 -0.91 -23.98
CA GLY B 313 25.21 -1.34 -23.00
C GLY B 313 26.01 -0.28 -22.26
N GLY B 314 25.72 0.99 -22.52
CA GLY B 314 26.40 2.07 -21.86
C GLY B 314 25.76 3.39 -22.11
N TRP B 315 25.15 3.96 -21.07
CA TRP B 315 24.30 5.16 -21.23
C TRP B 315 24.76 6.34 -20.42
N ASN B 316 24.55 7.55 -20.96
CA ASN B 316 24.71 8.78 -20.21
C ASN B 316 23.54 8.91 -19.26
N ASP B 317 23.81 9.21 -17.98
CA ASP B 317 22.77 9.27 -16.94
C ASP B 317 22.54 10.71 -16.50
N PRO B 318 21.44 11.34 -16.94
CA PRO B 318 21.15 12.75 -16.56
C PRO B 318 20.44 12.86 -15.23
N ASP B 319 20.50 11.78 -14.48
CA ASP B 319 19.96 11.62 -13.12
C ASP B 319 18.48 11.21 -13.14
N MSE B 320 18.01 10.91 -11.93
CA MSE B 320 16.65 10.40 -11.67
C MSE B 320 15.56 11.38 -12.04
O MSE B 320 15.72 12.61 -11.97
CB MSE B 320 16.65 10.03 -10.16
CG MSE B 320 17.65 8.87 -9.85
SE MSE B 320 18.14 8.80 -7.93
CE MSE B 320 19.07 10.51 -7.68
N LEU B 321 14.43 10.84 -12.52
CA LEU B 321 13.28 11.64 -12.88
C LEU B 321 12.70 12.31 -11.66
N VAL B 322 12.20 13.51 -11.85
CA VAL B 322 11.52 14.26 -10.81
C VAL B 322 10.01 14.47 -11.11
N VAL B 323 9.56 13.84 -12.20
CA VAL B 323 8.13 13.77 -12.58
C VAL B 323 7.33 13.40 -11.34
N GLY B 324 6.32 14.20 -11.01
CA GLY B 324 5.35 13.81 -10.01
C GLY B 324 5.67 14.21 -8.59
N ILE B 325 6.73 14.97 -8.39
CA ILE B 325 7.17 15.27 -7.03
C ILE B 325 6.42 16.51 -6.55
N GLY B 326 6.21 17.45 -7.45
CA GLY B 326 5.47 18.71 -7.16
C GLY B 326 5.94 19.41 -5.88
N GLY B 327 7.25 19.48 -5.68
CA GLY B 327 7.82 20.12 -4.47
C GLY B 327 7.86 19.27 -3.20
N LYS B 328 7.18 18.13 -3.17
CA LYS B 328 7.01 17.33 -1.94
C LYS B 328 8.09 16.28 -1.75
N SER B 329 9.10 16.57 -0.96
CA SER B 329 10.25 15.68 -0.89
C SER B 329 11.09 15.85 0.37
N LYS B 330 11.45 14.74 1.00
CA LYS B 330 12.30 14.83 2.19
CA LYS B 330 12.33 14.76 2.17
C LYS B 330 13.77 15.14 1.81
N SER B 331 14.16 14.80 0.58
CA SER B 331 15.55 14.90 0.19
C SER B 331 15.85 16.18 -0.57
N ILE B 332 14.99 16.58 -1.49
CA ILE B 332 15.28 17.72 -2.37
C ILE B 332 14.17 18.80 -2.35
N GLY B 333 13.24 18.72 -1.39
CA GLY B 333 12.12 19.64 -1.27
C GLY B 333 12.52 21.03 -0.78
N TYR B 334 13.58 21.09 0.02
CA TYR B 334 14.17 22.34 0.48
C TYR B 334 14.58 23.24 -0.69
N GLU B 335 15.43 22.70 -1.58
CA GLU B 335 16.07 23.47 -2.65
C GLU B 335 15.39 23.34 -4.03
N SER B 336 14.06 23.18 -4.02
CA SER B 336 13.27 22.87 -5.22
C SER B 336 11.89 23.54 -5.26
N GLU B 337 11.55 24.12 -6.41
CA GLU B 337 10.32 24.91 -6.56
C GLU B 337 9.08 24.03 -6.77
N GLY B 338 9.26 22.92 -7.48
CA GLY B 338 8.18 22.21 -8.15
C GLY B 338 8.11 22.77 -9.58
N CYS B 339 7.70 21.91 -10.53
CA CYS B 339 7.58 22.29 -11.94
C CYS B 339 6.10 22.27 -12.35
N THR B 340 5.78 22.81 -13.53
CA THR B 340 4.46 22.63 -14.15
C THR B 340 4.34 21.24 -14.74
N ASN B 341 3.13 20.80 -15.05
CA ASN B 341 3.00 19.48 -15.70
C ASN B 341 3.59 19.48 -17.10
N GLU B 342 3.47 20.61 -17.76
CA GLU B 342 4.09 20.83 -19.04
C GLU B 342 5.60 20.55 -18.98
N GLN B 343 6.23 21.15 -18.00
CA GLN B 343 7.64 20.96 -17.75
C GLN B 343 7.97 19.53 -17.37
N TYR B 344 7.18 18.89 -16.51
CA TYR B 344 7.44 17.47 -16.18
C TYR B 344 7.35 16.57 -17.41
N GLN B 345 6.36 16.85 -18.27
CA GLN B 345 6.21 16.10 -19.50
C GLN B 345 7.42 16.27 -20.43
N SER B 346 7.87 17.52 -20.58
CA SER B 346 9.05 17.84 -21.35
C SER B 346 10.28 17.13 -20.76
N HIS B 347 10.39 17.15 -19.45
CA HIS B 347 11.46 16.40 -18.75
C HIS B 347 11.47 14.90 -19.10
N PHE B 348 10.30 14.26 -19.03
CA PHE B 348 10.20 12.83 -19.35
C PHE B 348 10.47 12.54 -20.81
N ALA B 349 9.83 13.32 -21.68
CA ALA B 349 10.02 13.24 -23.11
C ALA B 349 11.48 13.34 -23.51
N LEU B 350 12.18 14.32 -22.98
CA LEU B 350 13.63 14.48 -23.29
C LEU B 350 14.50 13.32 -22.77
N TRP B 351 14.19 12.86 -21.54
CA TRP B 351 14.90 11.71 -20.98
C TRP B 351 14.67 10.51 -21.88
N CYS B 352 13.46 10.40 -22.45
CA CYS B 352 13.18 9.33 -23.41
C CYS B 352 14.00 9.51 -24.66
N MSE B 353 14.00 10.72 -25.22
CA MSE B 353 14.79 11.02 -26.45
C MSE B 353 16.28 10.77 -26.28
O MSE B 353 16.97 10.26 -27.20
CB MSE B 353 14.60 12.47 -26.90
CG MSE B 353 13.17 12.90 -27.27
SE MSE B 353 12.77 12.11 -29.03
CE MSE B 353 14.05 13.14 -30.09
N MSE B 354 16.81 11.06 -25.10
CA MSE B 354 18.26 10.95 -24.84
C MSE B 354 18.74 9.55 -24.51
O MSE B 354 19.87 9.38 -24.14
CB MSE B 354 18.64 11.92 -23.71
CG MSE B 354 18.39 13.36 -24.20
SE MSE B 354 19.05 14.71 -22.95
CE MSE B 354 18.16 14.20 -21.30
N ALA B 355 17.89 8.51 -24.69
CA ALA B 355 18.19 7.18 -24.26
C ALA B 355 18.77 7.20 -22.84
N SER B 356 18.13 8.00 -21.96
CA SER B 356 18.45 8.03 -20.59
C SER B 356 17.82 6.88 -19.77
N PRO B 357 18.41 6.51 -18.63
CA PRO B 357 17.73 5.72 -17.64
C PRO B 357 16.46 6.45 -17.26
N LEU B 358 15.39 5.70 -17.06
CA LEU B 358 14.14 6.26 -16.63
C LEU B 358 13.94 5.71 -15.22
N LEU B 359 14.71 6.25 -14.27
CA LEU B 359 14.52 5.93 -12.86
C LEU B 359 13.58 6.94 -12.18
N CYS B 360 12.32 6.55 -11.91
CA CYS B 360 11.38 7.51 -11.27
C CYS B 360 11.81 7.81 -9.84
N GLY B 361 11.57 9.05 -9.44
CA GLY B 361 11.97 9.53 -8.18
C GLY B 361 10.81 9.91 -7.31
N ASN B 362 9.61 9.83 -7.84
CA ASN B 362 8.40 10.14 -7.11
C ASN B 362 7.96 8.94 -6.29
N ASP B 363 6.93 9.13 -5.49
CA ASP B 363 6.28 8.00 -4.80
C ASP B 363 5.30 7.33 -5.73
N VAL B 364 5.70 6.22 -6.37
CA VAL B 364 4.83 5.53 -7.33
C VAL B 364 3.68 4.76 -6.67
N ARG B 365 3.63 4.70 -5.34
CA ARG B 365 2.47 4.09 -4.67
C ARG B 365 1.18 4.90 -4.82
N GLN B 366 1.33 6.19 -5.07
CA GLN B 366 0.20 7.09 -5.18
C GLN B 366 0.53 8.16 -6.19
N MSE B 367 -0.20 8.18 -7.29
CA MSE B 367 0.05 9.11 -8.37
C MSE B 367 -1.20 9.71 -8.86
O MSE B 367 -2.26 9.05 -8.94
CB MSE B 367 0.68 8.29 -9.50
CG MSE B 367 2.17 8.25 -9.27
SE MSE B 367 3.05 7.35 -10.79
CE MSE B 367 2.33 5.56 -10.51
N ASN B 368 -1.14 10.97 -9.23
CA ASN B 368 -2.34 11.57 -9.81
C ASN B 368 -2.35 11.23 -11.29
N ASP B 369 -3.52 11.39 -11.90
CA ASP B 369 -3.73 11.02 -13.31
C ASP B 369 -2.76 11.73 -14.25
N SER B 370 -2.52 13.00 -13.97
CA SER B 370 -1.56 13.81 -14.70
C SER B 370 -0.15 13.21 -14.73
N THR B 371 0.30 12.70 -13.59
CA THR B 371 1.60 12.04 -13.52
C THR B 371 1.59 10.70 -14.25
N LEU B 372 0.53 9.92 -14.03
CA LEU B 372 0.33 8.67 -14.76
C LEU B 372 0.31 8.89 -16.27
N GLN B 373 -0.27 9.99 -16.68
CA GLN B 373 -0.35 10.34 -18.11
C GLN B 373 1.02 10.54 -18.73
N ILE B 374 1.99 10.98 -17.93
CA ILE B 374 3.35 11.15 -18.40
C ILE B 374 4.10 9.81 -18.33
N LEU B 375 4.15 9.20 -17.14
CA LEU B 375 5.02 8.04 -16.89
C LEU B 375 4.57 6.76 -17.57
N LEU B 376 3.30 6.71 -17.93
CA LEU B 376 2.78 5.57 -18.67
C LEU B 376 2.61 5.85 -20.16
N ASN B 377 3.33 6.81 -20.71
CA ASN B 377 3.25 7.05 -22.16
C ASN B 377 4.08 6.01 -22.85
N LYS B 378 3.39 4.99 -23.35
CA LYS B 378 3.99 3.83 -24.02
C LYS B 378 4.87 4.20 -25.22
N ASP B 379 4.50 5.29 -25.89
CA ASP B 379 5.14 5.66 -27.16
C ASP B 379 6.46 6.33 -26.88
N LEU B 380 6.48 7.24 -25.89
CA LEU B 380 7.75 7.82 -25.44
C LEU B 380 8.72 6.75 -24.93
N ILE B 381 8.20 5.80 -24.16
CA ILE B 381 9.00 4.75 -23.58
C ILE B 381 9.56 3.89 -24.71
N ALA B 382 8.72 3.62 -25.71
CA ALA B 382 9.14 2.92 -26.91
C ALA B 382 10.31 3.62 -27.60
N ILE B 383 10.33 4.94 -27.62
CA ILE B 383 11.45 5.69 -28.15
C ILE B 383 12.67 5.41 -27.30
N ASN B 384 12.52 5.60 -25.97
CA ASN B 384 13.61 5.36 -25.02
C ASN B 384 14.21 3.94 -25.18
N GLN B 385 13.35 2.96 -25.43
CA GLN B 385 13.80 1.53 -25.56
C GLN B 385 14.11 1.05 -26.94
N ASP B 386 14.20 1.99 -27.88
CA ASP B 386 14.50 1.61 -29.26
C ASP B 386 15.81 0.86 -29.27
N PRO B 387 15.87 -0.32 -29.90
CA PRO B 387 17.09 -1.14 -29.83
C PRO B 387 18.38 -0.51 -30.42
N LEU B 388 18.24 0.44 -31.34
CA LEU B 388 19.43 1.19 -31.79
C LEU B 388 20.14 1.89 -30.65
N GLY B 389 19.41 2.31 -29.62
CA GLY B 389 20.10 2.90 -28.49
C GLY B 389 20.93 4.11 -28.84
N ILE B 390 20.42 4.94 -29.76
CA ILE B 390 21.03 6.22 -30.07
C ILE B 390 20.51 7.34 -29.19
N GLN B 391 21.39 8.04 -28.50
CA GLN B 391 20.96 9.23 -27.75
C GLN B 391 20.68 10.33 -28.76
N ALA B 392 19.54 10.97 -28.65
CA ALA B 392 19.15 12.00 -29.58
C ALA B 392 20.19 13.11 -29.65
N GLU B 393 20.38 13.60 -30.86
CA GLU B 393 21.25 14.68 -31.09
C GLU B 393 20.43 15.95 -30.81
N ARG B 394 21.01 16.96 -30.19
CA ARG B 394 20.32 18.26 -30.19
C ARG B 394 20.77 18.98 -31.45
N ALA B 395 19.99 18.78 -32.51
CA ALA B 395 20.32 19.27 -33.85
C ALA B 395 20.43 20.77 -33.94
N ILE B 396 19.55 21.49 -33.22
CA ILE B 396 19.45 22.92 -33.24
C ILE B 396 19.21 23.41 -31.83
N ARG B 397 20.11 24.27 -31.33
CA ARG B 397 19.88 24.96 -30.07
C ARG B 397 19.69 26.43 -30.43
N ALA B 398 18.44 26.84 -30.55
CA ALA B 398 18.14 28.20 -30.95
C ALA B 398 18.14 29.02 -29.68
N ASP B 399 17.79 30.30 -29.74
CA ASP B 399 17.77 31.09 -28.49
C ASP B 399 16.67 30.63 -27.51
N HIS B 400 15.53 30.23 -28.03
CA HIS B 400 14.35 29.96 -27.21
C HIS B 400 13.85 28.54 -27.28
N TYR B 401 14.40 27.75 -28.21
CA TYR B 401 13.91 26.42 -28.38
C TYR B 401 15.00 25.52 -28.89
N ASP B 402 14.73 24.24 -28.77
CA ASP B 402 15.59 23.21 -29.27
C ASP B 402 14.85 22.38 -30.26
N VAL B 403 15.61 21.72 -31.14
CA VAL B 403 15.07 20.64 -31.91
C VAL B 403 16.03 19.44 -31.73
N TRP B 404 15.51 18.33 -31.25
CA TRP B 404 16.30 17.14 -30.96
C TRP B 404 15.86 16.06 -31.91
N VAL B 405 16.79 15.20 -32.34
CA VAL B 405 16.49 14.11 -33.27
C VAL B 405 17.15 12.74 -32.91
N LYS B 406 16.30 11.72 -32.93
CA LYS B 406 16.66 10.38 -32.57
C LYS B 406 16.28 9.45 -33.75
N PRO B 407 17.29 8.96 -34.45
CA PRO B 407 16.93 7.92 -35.44
C PRO B 407 16.45 6.61 -34.80
N LEU B 408 15.38 6.02 -35.33
CA LEU B 408 14.77 4.79 -34.77
C LEU B 408 15.05 3.58 -35.67
N SER B 409 14.79 2.39 -35.15
CA SER B 409 15.28 1.15 -35.76
C SER B 409 14.51 0.73 -37.02
N ASP B 410 13.33 1.28 -37.24
CA ASP B 410 12.60 1.05 -38.47
C ASP B 410 12.94 2.09 -39.55
N GLY B 411 13.94 2.94 -39.34
CA GLY B 411 14.29 3.98 -40.32
C GLY B 411 13.56 5.30 -40.13
N SER B 412 12.54 5.36 -39.30
CA SER B 412 11.92 6.64 -38.98
C SER B 412 12.83 7.45 -38.05
N LYS B 413 12.42 8.69 -37.77
CA LYS B 413 13.08 9.54 -36.82
C LYS B 413 12.09 10.17 -35.85
N ALA B 414 12.44 10.21 -34.57
CA ALA B 414 11.74 11.01 -33.57
C ALA B 414 12.32 12.39 -33.51
N ILE B 415 11.44 13.38 -33.46
CA ILE B 415 11.77 14.76 -33.41
C ILE B 415 11.09 15.41 -32.20
N ALA B 416 11.88 16.10 -31.38
CA ALA B 416 11.35 16.78 -30.24
C ALA B 416 11.67 18.27 -30.35
N CYS B 417 10.62 19.07 -30.25
CA CYS B 417 10.68 20.49 -30.28
C CYS B 417 10.37 20.97 -28.88
N LEU B 418 11.34 21.67 -28.26
CA LEU B 418 11.22 22.07 -26.88
C LEU B 418 11.29 23.55 -26.73
N ASN B 419 10.39 24.06 -25.92
CA ASN B 419 10.36 25.49 -25.56
C ASN B 419 11.06 25.67 -24.24
N ARG B 420 12.17 26.39 -24.27
CA ARG B 420 12.98 26.54 -23.09
C ARG B 420 12.57 27.77 -22.30
N ILE B 421 11.76 28.65 -22.86
CA ILE B 421 11.45 29.91 -22.19
C ILE B 421 10.04 29.90 -21.59
N SER B 422 9.69 30.97 -20.91
CA SER B 422 8.39 31.01 -20.22
C SER B 422 7.30 31.80 -21.01
N GLY B 423 7.54 32.05 -22.30
CA GLY B 423 6.52 32.55 -23.20
C GLY B 423 6.35 31.57 -24.34
N PRO B 424 5.27 31.73 -25.12
CA PRO B 424 5.01 30.85 -26.27
C PRO B 424 6.05 31.01 -27.36
N VAL B 425 6.34 29.94 -28.10
CA VAL B 425 7.31 30.05 -29.22
C VAL B 425 6.85 29.25 -30.45
N ASP B 426 7.26 29.73 -31.61
CA ASP B 426 7.04 29.07 -32.89
C ASP B 426 8.31 28.39 -33.38
N VAL B 427 8.17 27.16 -33.86
CA VAL B 427 9.31 26.40 -34.38
C VAL B 427 8.94 25.88 -35.75
N GLU B 428 9.61 26.36 -36.79
CA GLU B 428 9.30 25.87 -38.10
C GLU B 428 9.94 24.50 -38.29
N LEU B 429 9.15 23.58 -38.82
CA LEU B 429 9.63 22.25 -39.10
C LEU B 429 9.43 22.01 -40.58
N ASN B 430 10.51 21.63 -41.28
CA ASN B 430 10.46 21.36 -42.69
C ASN B 430 11.51 20.31 -43.00
N VAL B 431 11.62 19.89 -44.25
CA VAL B 431 12.51 18.76 -44.57
C VAL B 431 13.99 19.15 -44.47
N LYS B 432 14.29 20.44 -44.26
CA LYS B 432 15.65 20.89 -44.06
C LYS B 432 15.98 21.25 -42.61
N THR B 433 15.05 21.05 -41.69
CA THR B 433 15.31 21.31 -40.28
C THR B 433 16.48 20.46 -39.74
N VAL B 434 16.47 19.16 -40.04
CA VAL B 434 17.57 18.24 -39.69
C VAL B 434 17.85 17.33 -40.85
N GLU B 435 19.06 16.81 -40.91
CA GLU B 435 19.47 15.91 -41.99
C GLU B 435 18.56 14.69 -42.08
N GLY B 436 18.09 14.42 -43.29
CA GLY B 436 17.38 13.17 -43.63
C GLY B 436 15.96 13.07 -43.10
N LEU B 437 15.30 14.20 -42.85
CA LEU B 437 13.98 14.19 -42.29
C LEU B 437 12.93 14.05 -43.40
N SER B 438 11.96 13.16 -43.22
CA SER B 438 10.77 13.11 -44.05
C SER B 438 9.55 13.47 -43.23
N LEU B 439 8.66 14.25 -43.81
CA LEU B 439 7.43 14.62 -43.13
C LEU B 439 6.19 14.12 -43.87
N ASP B 440 6.27 13.04 -44.64
CA ASP B 440 5.05 12.56 -45.28
C ASP B 440 4.09 11.92 -44.28
N ARG B 441 4.61 11.28 -43.25
CA ARG B 441 3.81 10.66 -42.23
C ARG B 441 4.34 11.03 -40.85
N VAL B 442 3.53 11.71 -40.07
CA VAL B 442 3.97 12.26 -38.83
C VAL B 442 2.98 11.88 -37.73
N TYR B 443 3.51 11.29 -36.66
CA TYR B 443 2.70 10.83 -35.54
C TYR B 443 3.04 11.67 -34.31
N ASP B 444 2.02 12.27 -33.70
CA ASP B 444 2.18 13.04 -32.50
C ASP B 444 2.11 12.08 -31.30
N VAL B 445 3.26 11.89 -30.67
CA VAL B 445 3.45 10.93 -29.57
C VAL B 445 2.79 11.38 -28.23
N ILE B 446 2.60 12.68 -28.02
CA ILE B 446 2.01 13.18 -26.80
C ILE B 446 0.50 13.16 -26.93
N GLU B 447 -0.02 13.41 -28.12
CA GLU B 447 -1.45 13.22 -28.39
C GLU B 447 -1.85 11.79 -28.74
N GLY B 448 -0.91 10.94 -29.10
CA GLY B 448 -1.23 9.62 -29.68
C GLY B 448 -2.10 9.70 -30.93
N SER B 449 -1.70 10.47 -31.94
CA SER B 449 -2.48 10.58 -33.16
C SER B 449 -1.67 11.11 -34.33
N LEU B 450 -2.15 10.84 -35.54
CA LEU B 450 -1.51 11.33 -36.76
CA LEU B 450 -1.53 11.33 -36.76
C LEU B 450 -1.66 12.84 -36.86
N VAL B 451 -0.60 13.50 -37.30
CA VAL B 451 -0.57 14.94 -37.56
C VAL B 451 -1.07 15.12 -38.97
N ALA B 452 -1.99 16.05 -39.17
CA ALA B 452 -2.55 16.33 -40.48
C ALA B 452 -2.06 17.68 -41.05
N GLU B 453 -0.87 18.11 -40.64
CA GLU B 453 -0.20 19.28 -41.24
C GLU B 453 0.44 18.97 -42.61
N ALA B 454 0.84 20.00 -43.33
CA ALA B 454 1.46 19.82 -44.65
C ALA B 454 2.70 18.92 -44.62
N SER B 455 2.84 18.13 -45.68
CA SER B 455 4.02 17.30 -45.87
C SER B 455 5.30 18.13 -46.16
N THR B 456 5.12 19.41 -46.51
CA THR B 456 6.21 20.32 -46.72
C THR B 456 6.58 21.09 -45.43
N GLY B 457 5.87 20.80 -44.34
CA GLY B 457 6.25 21.31 -43.04
C GLY B 457 5.25 22.33 -42.52
N TRP B 458 5.40 22.68 -41.26
CA TRP B 458 4.47 23.59 -40.60
C TRP B 458 5.15 24.27 -39.44
N VAL B 459 4.49 25.26 -38.84
CA VAL B 459 4.96 25.94 -37.66
C VAL B 459 4.40 25.22 -36.45
N VAL B 460 5.28 24.70 -35.60
CA VAL B 460 4.91 24.07 -34.34
C VAL B 460 4.75 25.19 -33.32
N LYS B 461 3.64 25.23 -32.62
CA LYS B 461 3.39 26.26 -31.61
C LYS B 461 3.51 25.62 -30.26
N LEU B 462 4.41 26.15 -29.46
CA LEU B 462 4.73 25.55 -28.18
C LEU B 462 4.34 26.54 -27.10
N ALA B 463 3.53 26.08 -26.15
CA ALA B 463 3.27 26.85 -24.96
C ALA B 463 4.53 26.84 -24.07
N PRO B 464 4.57 27.77 -23.09
CA PRO B 464 5.71 27.81 -22.21
C PRO B 464 6.05 26.44 -21.68
N GLY B 465 7.30 26.02 -21.81
CA GLY B 465 7.77 24.76 -21.21
C GLY B 465 7.36 23.49 -21.93
N GLU B 466 6.69 23.64 -23.07
CA GLU B 466 6.09 22.50 -23.74
C GLU B 466 7.11 21.86 -24.64
N CYS B 467 7.01 20.55 -24.73
CA CYS B 467 7.75 19.81 -25.71
C CYS B 467 6.71 19.12 -26.57
N LYS B 468 6.90 19.12 -27.87
CA LYS B 468 6.13 18.24 -28.73
C LYS B 468 7.08 17.22 -29.31
N VAL B 469 6.61 15.97 -29.40
CA VAL B 469 7.41 14.85 -29.93
C VAL B 469 6.68 14.21 -31.09
N PHE B 470 7.36 14.12 -32.24
CA PHE B 470 6.77 13.59 -33.43
C PHE B 470 7.63 12.44 -33.95
N ILE B 471 7.01 11.39 -34.46
CA ILE B 471 7.73 10.35 -35.19
C ILE B 471 7.45 10.52 -36.67
N CYS B 472 8.51 10.62 -37.45
CA CYS B 472 8.47 11.16 -38.81
C CYS B 472 9.04 10.16 -39.79
N LYS B 473 8.27 9.80 -40.81
CA LYS B 473 8.70 8.84 -41.84
C LYS B 473 8.23 9.33 -43.19
C1 PGE C . -13.44 5.91 16.68
O1 PGE C . -14.57 5.07 16.99
C2 PGE C . -13.17 6.94 17.78
O2 PGE C . -11.81 7.40 17.72
C3 PGE C . -11.57 8.76 18.10
C4 PGE C . -10.59 8.85 19.26
O4 PGE C . -9.21 6.56 20.45
C6 PGE C . -8.02 7.34 20.26
C5 PGE C . -8.19 8.80 19.77
O3 PGE C . -9.22 9.04 18.79
C1 PEG D . 13.78 -1.65 19.31
O1 PEG D . 13.96 -2.96 18.76
C2 PEG D . 12.32 -1.44 19.69
O2 PEG D . 12.07 -1.86 21.03
C3 PEG D . 11.32 -0.95 21.85
C4 PEG D . 11.09 -1.51 23.25
O4 PEG D . 11.46 -2.90 23.32
C1 PGE E . -3.94 8.71 18.31
O1 PGE E . -4.78 7.65 18.83
C2 PGE E . -2.60 8.71 18.96
O2 PGE E . -1.78 9.71 18.39
C3 PGE E . -0.51 9.28 17.92
C4 PGE E . 0.40 8.85 19.06
O4 PGE E . 3.10 11.37 21.98
C6 PGE E . 1.76 10.95 21.72
C5 PGE E . 1.67 10.31 20.35
O3 PGE E . 0.36 9.78 20.12
C1 PEG F . 9.93 2.84 20.75
O1 PEG F . 9.47 1.70 21.46
C2 PEG F . 10.87 2.43 19.61
O2 PEG F . 10.86 3.45 18.60
C3 PEG F . 11.18 3.05 17.27
C4 PEG F . 9.91 3.03 16.42
O4 PEG F . 9.01 4.06 16.85
C1 PEG G . -30.07 2.86 6.68
O1 PEG G . -29.60 2.05 5.59
C2 PEG G . -29.50 2.28 7.98
O2 PEG G . -29.73 3.02 9.20
C3 PEG G . -30.22 4.36 9.11
C4 PEG G . -30.41 4.87 10.52
O4 PEG G . -30.35 6.31 10.51
C1 PEG H . -0.11 -9.84 -14.26
O1 PEG H . -1.00 -10.33 -15.24
C2 PEG H . -0.47 -8.41 -13.84
O2 PEG H . -1.78 -8.26 -13.31
C3 PEG H . -1.95 -7.04 -12.56
C4 PEG H . -2.89 -6.09 -13.31
O4 PEG H . -4.28 -6.39 -13.14
C1 PEG I . 18.80 -10.47 -15.52
O1 PEG I . 19.57 -9.76 -14.54
C2 PEG I . 18.84 -9.81 -16.92
O2 PEG I . 17.54 -9.75 -17.53
C3 PEG I . 17.32 -8.74 -18.53
C4 PEG I . 16.66 -7.44 -17.99
O4 PEG I . 16.37 -6.49 -19.04
C1 PEG J . 5.75 -5.45 5.59
O1 PEG J . 7.10 -5.15 5.99
C2 PEG J . 5.17 -4.28 4.80
O2 PEG J . 3.89 -4.52 4.19
C3 PEG J . 3.86 -4.51 2.76
C4 PEG J . 4.18 -5.90 2.21
O4 PEG J . 3.28 -6.23 1.17
C1 PEG K . 7.99 9.69 4.67
O1 PEG K . 8.54 10.50 5.71
C2 PEG K . 8.40 10.19 3.29
O2 PEG K . 7.80 11.45 2.99
C3 PEG K . 8.08 11.94 1.66
C4 PEG K . 7.33 13.24 1.32
O4 PEG K . 7.94 14.40 1.91
C1 PEG L . 9.96 2.86 -32.55
O1 PEG L . 9.04 2.21 -33.45
C2 PEG L . 9.14 3.61 -31.51
O2 PEG L . 7.78 3.62 -31.89
C3 PEG L . 6.99 4.49 -31.07
C4 PEG L . 5.77 4.98 -31.83
O4 PEG L . 4.68 4.12 -31.59
P PO4 M . 23.03 10.85 -3.54
O1 PO4 M . 23.13 12.37 -3.26
O2 PO4 M . 23.57 10.04 -2.41
O3 PO4 M . 21.58 10.42 -3.71
O4 PO4 M . 23.78 10.49 -4.80
#